data_7W26
#
_entry.id   7W26
#
_cell.length_a   136.420
_cell.length_b   136.420
_cell.length_c   102.890
_cell.angle_alpha   90.000
_cell.angle_beta   90.000
_cell.angle_gamma   90.000
#
_symmetry.space_group_name_H-M   'P 41 21 2'
#
loop_
_entity.id
_entity.type
_entity.pdbx_description
1 polymer 'Ferulate monolignol transferase'
2 water water
#
_entity_poly.entity_id   1
_entity_poly.type   'polypeptide(L)'
_entity_poly.pdbx_seq_one_letter_code
;MTIMEVQVVSKKMVKPSVPTPDHHKTCKLTAFDQIAPPDQVPIIYFYNSSNIHNIREQLVKSLSETLTKFYPLAGRFVQD
GFYVDCNDEGVLYVEAEVNIPLNEFIGQAKKNIQLINDLVPKKNFKDIHSYENPIVGLQMSYFKCGGLAICMYLSHVVAD
GYTAAAFTKEWSNTTNGIINGDQLVSSSPINFELATLVPARDLSTVIKPAVMPPSKIKETKVVTRRFLFDENAISAFKDH
VIKSESVNRPTRVEVVTSVLWKALINQSKLPSSTLYFHLNFRGKTGINTPPLDNHFSLCGNFYTQVPTRFRGGNQTKQDL
ELHELVKLLRGKLRNTLKNCSEINTADGLFLEAASNFNIIQEDLEDEQVDVRIFTTLCRMPLYETEFGWGKPEWVTIPEM
HLEIVFLLDTKCGTGIEALVSMDEADMLQFELDPTISAFASLEHHHHHH
;
_entity_poly.pdbx_strand_id   A,B
#
# COMPACT_ATOMS: atom_id res chain seq x y z
N ILE A 3 -4.49 38.45 -9.23
CA ILE A 3 -4.22 38.58 -10.65
C ILE A 3 -3.52 37.32 -11.18
N MET A 4 -2.80 36.64 -10.29
CA MET A 4 -1.98 35.48 -10.69
C MET A 4 -2.86 34.25 -10.86
N GLU A 5 -2.79 33.63 -12.04
CA GLU A 5 -3.49 32.39 -12.31
C GLU A 5 -2.49 31.39 -12.88
N VAL A 6 -2.54 30.15 -12.38
CA VAL A 6 -1.74 29.06 -12.90
C VAL A 6 -2.65 28.11 -13.66
N GLN A 7 -2.21 27.69 -14.84
CA GLN A 7 -2.98 26.84 -15.73
C GLN A 7 -2.10 25.67 -16.15
N VAL A 8 -2.49 24.46 -15.76
CA VAL A 8 -1.75 23.28 -16.19
C VAL A 8 -2.01 23.08 -17.67
N VAL A 9 -0.93 22.97 -18.44
CA VAL A 9 -1.03 22.91 -19.89
C VAL A 9 -0.88 21.46 -20.33
N SER A 10 -0.15 20.67 -19.55
CA SER A 10 -0.01 19.26 -19.88
C SER A 10 0.31 18.45 -18.64
N LYS A 11 -0.02 17.17 -18.69
CA LYS A 11 0.34 16.25 -17.62
C LYS A 11 0.52 14.88 -18.23
N LYS A 12 1.68 14.28 -18.01
CA LYS A 12 1.97 12.99 -18.62
C LYS A 12 2.96 12.22 -17.74
N MET A 13 3.35 11.04 -18.22
CA MET A 13 4.39 10.24 -17.61
C MET A 13 5.61 10.28 -18.51
N VAL A 14 6.76 10.65 -17.95
CA VAL A 14 8.02 10.67 -18.68
C VAL A 14 8.83 9.46 -18.23
N LYS A 15 9.13 8.59 -19.18
CA LYS A 15 9.84 7.34 -18.94
C LYS A 15 11.33 7.51 -19.25
N PRO A 16 12.18 6.61 -18.75
CA PRO A 16 13.60 6.69 -19.09
C PRO A 16 13.80 6.51 -20.58
N SER A 17 14.85 7.15 -21.11
CA SER A 17 15.13 7.10 -22.55
C SER A 17 15.22 5.67 -23.05
N VAL A 18 15.84 4.78 -22.28
CA VAL A 18 15.95 3.37 -22.67
C VAL A 18 15.25 2.50 -21.61
N PRO A 19 14.60 1.40 -22.03
CA PRO A 19 13.97 0.52 -21.05
C PRO A 19 14.97 0.00 -20.02
N THR A 20 14.47 -0.22 -18.82
CA THR A 20 15.32 -0.75 -17.76
C THR A 20 15.68 -2.21 -18.06
N PRO A 21 16.96 -2.57 -17.99
CA PRO A 21 17.34 -3.96 -18.30
C PRO A 21 16.64 -4.96 -17.41
N ASP A 22 16.52 -6.19 -17.92
CA ASP A 22 15.80 -7.23 -17.19
C ASP A 22 16.45 -7.54 -15.86
N HIS A 23 17.79 -7.46 -15.79
CA HIS A 23 18.47 -7.74 -14.53
C HIS A 23 18.33 -6.63 -13.50
N HIS A 24 17.71 -5.49 -13.86
CA HIS A 24 17.49 -4.41 -12.91
C HIS A 24 16.02 -4.13 -12.63
N LYS A 25 15.09 -5.00 -13.07
CA LYS A 25 13.68 -4.64 -12.97
C LYS A 25 13.18 -4.71 -11.52
N THR A 26 13.81 -5.53 -10.70
CA THR A 26 13.51 -5.58 -9.28
C THR A 26 14.65 -4.91 -8.54
N CYS A 27 14.36 -3.82 -7.86
CA CYS A 27 15.34 -3.12 -7.05
C CYS A 27 14.91 -3.28 -5.61
N LYS A 28 15.65 -4.09 -4.86
CA LYS A 28 15.24 -4.40 -3.50
C LYS A 28 15.65 -3.27 -2.57
N LEU A 29 14.77 -2.94 -1.63
CA LEU A 29 15.03 -1.84 -0.72
C LEU A 29 15.71 -2.35 0.53
N THR A 30 16.37 -1.43 1.22
CA THR A 30 17.17 -1.77 2.39
C THR A 30 16.35 -1.59 3.67
N ALA A 31 16.96 -1.99 4.79
CA ALA A 31 16.32 -1.76 6.09
C ALA A 31 16.31 -0.27 6.44
N PHE A 32 17.29 0.50 5.95
CA PHE A 32 17.22 1.95 6.05
C PHE A 32 15.92 2.48 5.45
N ASP A 33 15.57 1.97 4.26
CA ASP A 33 14.33 2.38 3.61
C ASP A 33 13.10 1.99 4.44
N GLN A 34 13.22 0.91 5.22
CA GLN A 34 12.09 0.48 6.05
C GLN A 34 11.76 1.51 7.13
N ILE A 35 12.78 2.13 7.72
CA ILE A 35 12.57 3.13 8.77
C ILE A 35 12.60 4.55 8.22
N ALA A 36 12.69 4.72 6.90
CA ALA A 36 12.63 6.05 6.34
C ALA A 36 11.21 6.59 6.47
N PRO A 37 11.05 7.89 6.66
CA PRO A 37 9.70 8.45 6.77
C PRO A 37 8.94 8.24 5.48
N PRO A 38 7.73 7.70 5.54
CA PRO A 38 6.95 7.40 4.32
C PRO A 38 6.20 8.63 3.81
N ASP A 39 6.97 9.64 3.42
CA ASP A 39 6.42 10.89 2.94
C ASP A 39 7.02 11.20 1.57
N GLN A 40 6.32 12.03 0.82
CA GLN A 40 6.85 12.61 -0.39
C GLN A 40 7.19 14.05 -0.06
N VAL A 41 8.43 14.43 -0.35
CA VAL A 41 9.03 15.67 0.15
C VAL A 41 9.28 16.57 -1.04
N PRO A 42 8.93 17.85 -0.96
CA PRO A 42 9.07 18.74 -2.12
C PRO A 42 10.23 19.71 -2.00
N ILE A 43 10.80 20.05 -3.14
CA ILE A 43 11.74 21.16 -3.25
C ILE A 43 11.41 21.90 -4.54
N ILE A 44 11.60 23.22 -4.55
CA ILE A 44 11.30 24.00 -5.74
C ILE A 44 12.45 24.98 -6.00
N TYR A 45 12.89 25.00 -7.26
CA TYR A 45 13.93 25.90 -7.78
C TYR A 45 13.28 26.89 -8.75
N PHE A 46 13.75 28.13 -8.71
CA PHE A 46 13.28 29.18 -9.62
C PHE A 46 14.42 29.67 -10.48
N TYR A 47 14.22 29.68 -11.78
CA TYR A 47 15.21 30.08 -12.76
C TYR A 47 14.68 31.22 -13.61
N ASN A 48 15.56 32.18 -13.93
CA ASN A 48 15.21 33.26 -14.82
C ASN A 48 15.04 32.75 -16.25
N SER A 49 14.54 33.65 -17.11
CA SER A 49 14.19 33.29 -18.48
C SER A 49 15.38 32.72 -19.24
N SER A 50 15.21 31.49 -19.75
CA SER A 50 16.18 30.88 -20.64
C SER A 50 16.39 31.73 -21.90
N ASN A 51 15.29 32.00 -22.62
CA ASN A 51 15.30 32.53 -23.99
C ASN A 51 15.83 31.48 -24.99
N ILE A 52 15.55 30.22 -24.70
CA ILE A 52 15.81 29.11 -25.62
C ILE A 52 14.46 28.59 -26.09
N HIS A 53 14.34 28.36 -27.41
CA HIS A 53 13.01 28.17 -27.99
C HIS A 53 12.48 26.75 -27.80
N ASN A 54 13.37 25.76 -27.64
CA ASN A 54 12.97 24.37 -27.46
C ASN A 54 13.25 23.90 -26.04
N ILE A 55 13.22 24.82 -25.08
CA ILE A 55 13.70 24.53 -23.74
C ILE A 55 12.85 23.44 -23.08
N ARG A 56 11.55 23.42 -23.34
CA ARG A 56 10.68 22.40 -22.74
C ARG A 56 11.03 21.01 -23.27
N GLU A 57 11.21 20.88 -24.59
CA GLU A 57 11.57 19.60 -25.16
C GLU A 57 12.91 19.11 -24.62
N GLN A 58 13.90 20.00 -24.54
CA GLN A 58 15.22 19.59 -24.09
C GLN A 58 15.23 19.23 -22.60
N LEU A 59 14.39 19.88 -21.80
CA LEU A 59 14.30 19.48 -20.40
C LEU A 59 13.64 18.12 -20.26
N VAL A 60 12.59 17.84 -21.05
CA VAL A 60 11.99 16.51 -21.02
C VAL A 60 13.01 15.46 -21.45
N LYS A 61 13.81 15.77 -22.47
CA LYS A 61 14.77 14.79 -22.98
C LYS A 61 15.87 14.53 -21.95
N SER A 62 16.42 15.58 -21.35
CA SER A 62 17.43 15.39 -20.32
C SER A 62 16.86 14.62 -19.13
N LEU A 63 15.58 14.86 -18.80
CA LEU A 63 14.97 14.09 -17.72
C LEU A 63 14.89 12.62 -18.06
N SER A 64 14.52 12.29 -19.31
CA SER A 64 14.48 10.89 -19.73
C SER A 64 15.87 10.26 -19.62
N GLU A 65 16.90 10.98 -20.06
CA GLU A 65 18.26 10.43 -19.98
C GLU A 65 18.72 10.28 -18.54
N THR A 66 18.29 11.17 -17.65
CA THR A 66 18.65 11.05 -16.24
C THR A 66 17.93 9.86 -15.60
N LEU A 67 16.66 9.66 -15.97
CA LEU A 67 15.89 8.54 -15.46
C LEU A 67 16.47 7.21 -15.93
N THR A 68 17.16 7.21 -17.07
CA THR A 68 17.92 6.02 -17.46
C THR A 68 18.88 5.60 -16.36
N LYS A 69 19.59 6.56 -15.76
CA LYS A 69 20.49 6.24 -14.65
C LYS A 69 19.74 6.07 -13.34
N PHE A 70 18.79 6.94 -13.05
CA PHE A 70 17.96 6.82 -11.86
C PHE A 70 16.70 6.02 -12.15
N TYR A 71 16.90 4.80 -12.68
CA TYR A 71 15.77 3.99 -13.13
C TYR A 71 14.77 3.64 -12.03
N PRO A 72 15.15 3.37 -10.77
CA PRO A 72 14.09 3.06 -9.78
C PRO A 72 13.12 4.20 -9.61
N LEU A 73 13.55 5.44 -9.86
CA LEU A 73 12.65 6.58 -9.75
C LEU A 73 11.51 6.52 -10.77
N ALA A 74 11.67 5.74 -11.85
CA ALA A 74 10.60 5.58 -12.83
C ALA A 74 9.74 4.36 -12.55
N GLY A 75 10.00 3.62 -11.47
CA GLY A 75 9.27 2.42 -11.15
C GLY A 75 8.15 2.66 -10.17
N ARG A 76 7.64 1.56 -9.61
CA ARG A 76 6.55 1.60 -8.64
C ARG A 76 6.89 0.73 -7.45
N PHE A 77 6.57 1.24 -6.25
CA PHE A 77 6.85 0.51 -5.03
C PHE A 77 5.88 -0.65 -4.87
N VAL A 78 6.42 -1.81 -4.48
CA VAL A 78 5.64 -2.99 -4.15
C VAL A 78 5.80 -3.28 -2.67
N GLN A 79 4.65 -3.37 -1.98
CA GLN A 79 4.58 -3.48 -0.53
C GLN A 79 5.02 -4.85 -0.04
N ASP A 80 4.57 -5.92 -0.71
CA ASP A 80 4.73 -7.27 -0.19
C ASP A 80 6.20 -7.62 -0.02
N GLY A 81 7.00 -7.38 -1.04
CA GLY A 81 8.42 -7.64 -0.99
C GLY A 81 9.24 -6.44 -0.59
N PHE A 82 8.60 -5.30 -0.38
CA PHE A 82 9.25 -4.04 -0.03
C PHE A 82 10.39 -3.77 -1.01
N TYR A 83 10.00 -3.61 -2.27
CA TYR A 83 10.96 -3.37 -3.33
C TYR A 83 10.36 -2.41 -4.34
N VAL A 84 11.13 -2.09 -5.37
CA VAL A 84 10.67 -1.21 -6.43
C VAL A 84 10.68 -2.04 -7.71
N ASP A 85 9.49 -2.27 -8.27
CA ASP A 85 9.34 -2.83 -9.59
C ASP A 85 9.67 -1.72 -10.59
N CYS A 86 10.84 -1.80 -11.21
CA CYS A 86 11.29 -0.76 -12.15
C CYS A 86 10.65 -1.07 -13.50
N ASN A 87 9.36 -0.77 -13.58
CA ASN A 87 8.55 -1.04 -14.76
C ASN A 87 8.57 0.08 -15.78
N ASP A 88 9.33 1.15 -15.51
CA ASP A 88 9.44 2.30 -16.41
C ASP A 88 8.08 2.95 -16.66
N GLU A 89 7.18 2.86 -15.67
CA GLU A 89 5.92 3.56 -15.78
C GLU A 89 6.12 5.07 -15.87
N GLY A 90 7.27 5.56 -15.42
CA GLY A 90 7.66 6.94 -15.62
C GLY A 90 7.39 7.80 -14.40
N VAL A 91 7.91 9.00 -14.45
CA VAL A 91 7.67 10.01 -13.43
C VAL A 91 6.56 10.92 -13.90
N LEU A 92 5.80 11.44 -12.96
CA LEU A 92 4.74 12.37 -13.28
C LEU A 92 5.34 13.72 -13.69
N TYR A 93 4.90 14.25 -14.82
CA TYR A 93 5.47 15.46 -15.41
C TYR A 93 4.31 16.40 -15.71
N VAL A 94 4.23 17.48 -14.95
CA VAL A 94 3.20 18.50 -15.09
C VAL A 94 3.83 19.75 -15.67
N GLU A 95 3.27 20.24 -16.77
CA GLU A 95 3.64 21.51 -17.35
C GLU A 95 2.48 22.49 -17.14
N ALA A 96 2.81 23.65 -16.57
CA ALA A 96 1.84 24.69 -16.29
C ALA A 96 2.36 26.02 -16.82
N GLU A 97 1.44 26.97 -16.95
CA GLU A 97 1.75 28.33 -17.36
C GLU A 97 1.06 29.30 -16.41
N VAL A 98 1.78 30.32 -15.99
CA VAL A 98 1.27 31.35 -15.10
C VAL A 98 1.31 32.68 -15.84
N ASN A 99 0.31 33.52 -15.60
CA ASN A 99 0.05 34.72 -16.37
C ASN A 99 0.82 35.95 -15.89
N ILE A 100 1.83 35.79 -15.04
CA ILE A 100 2.61 36.93 -14.56
C ILE A 100 4.09 36.61 -14.71
N PRO A 101 4.93 37.63 -14.81
CA PRO A 101 6.38 37.39 -14.83
C PRO A 101 6.86 36.83 -13.51
N LEU A 102 7.97 36.10 -13.59
CA LEU A 102 8.59 35.54 -12.40
C LEU A 102 9.06 36.62 -11.44
N ASN A 103 9.39 37.82 -11.94
CA ASN A 103 9.87 38.90 -11.09
C ASN A 103 8.74 39.64 -10.37
N GLU A 104 7.50 39.13 -10.44
CA GLU A 104 6.41 39.67 -9.64
C GLU A 104 5.83 38.57 -8.74
N PHE A 105 6.60 37.52 -8.50
CA PHE A 105 6.11 36.42 -7.69
C PHE A 105 7.07 36.10 -6.55
N ILE A 106 8.37 36.01 -6.86
CA ILE A 106 9.33 35.57 -5.85
C ILE A 106 9.28 36.46 -4.62
N GLY A 107 9.22 37.77 -4.80
CA GLY A 107 9.10 38.67 -3.67
C GLY A 107 7.84 38.40 -2.87
N GLN A 108 6.71 38.17 -3.55
CA GLN A 108 5.47 37.87 -2.85
C GLN A 108 5.54 36.51 -2.17
N ALA A 109 6.12 35.52 -2.86
CA ALA A 109 6.18 34.17 -2.33
C ALA A 109 7.08 34.09 -1.10
N LYS A 110 8.13 34.93 -1.05
CA LYS A 110 9.02 34.92 0.10
C LYS A 110 8.31 35.36 1.37
N LYS A 111 7.29 36.20 1.24
CA LYS A 111 6.50 36.64 2.37
C LYS A 111 5.35 35.70 2.70
N ASN A 112 4.80 35.02 1.70
CA ASN A 112 3.69 34.10 1.89
C ASN A 112 3.97 32.83 1.07
N ILE A 113 4.51 31.81 1.74
CA ILE A 113 4.89 30.58 1.04
C ILE A 113 3.67 29.87 0.46
N GLN A 114 2.48 30.12 1.01
CA GLN A 114 1.27 29.48 0.51
C GLN A 114 1.08 29.70 -0.99
N LEU A 115 1.55 30.84 -1.52
CA LEU A 115 1.37 31.13 -2.93
C LEU A 115 2.10 30.15 -3.84
N ILE A 116 3.05 29.37 -3.30
CA ILE A 116 3.72 28.37 -4.11
C ILE A 116 2.89 27.10 -4.27
N ASN A 117 1.77 26.99 -3.56
CA ASN A 117 0.99 25.75 -3.62
C ASN A 117 0.47 25.45 -5.02
N ASP A 118 0.19 26.47 -5.83
CA ASP A 118 -0.28 26.24 -7.19
C ASP A 118 0.84 25.81 -8.14
N LEU A 119 2.09 25.77 -7.67
CA LEU A 119 3.20 25.27 -8.46
C LEU A 119 3.61 23.87 -8.08
N VAL A 120 3.02 23.30 -7.03
CA VAL A 120 3.36 21.98 -6.52
C VAL A 120 2.29 21.00 -6.99
N PRO A 121 2.66 19.89 -7.64
CA PRO A 121 1.65 18.94 -8.09
C PRO A 121 1.21 18.03 -6.96
N LYS A 122 -0.08 17.71 -6.93
CA LYS A 122 -0.60 16.69 -6.01
C LYS A 122 -1.66 15.89 -6.78
N LYS A 123 -1.17 15.01 -7.65
CA LYS A 123 -1.93 13.90 -8.18
C LYS A 123 -1.49 12.59 -7.54
N ASN A 124 -0.65 12.67 -6.52
CA ASN A 124 -0.09 11.49 -5.89
C ASN A 124 -1.15 10.78 -5.05
N PHE A 125 -0.96 9.47 -4.88
CA PHE A 125 -1.89 8.62 -4.17
C PHE A 125 -1.24 8.20 -2.85
N LYS A 126 -1.62 7.03 -2.33
CA LYS A 126 -1.01 6.54 -1.11
C LYS A 126 0.44 6.16 -1.38
N ASP A 127 1.36 6.58 -0.55
CA ASP A 127 2.81 6.36 -0.67
C ASP A 127 3.32 4.93 -0.41
N ILE A 128 3.16 4.39 0.80
CA ILE A 128 3.60 3.01 1.21
C ILE A 128 2.29 2.30 1.05
N HIS A 129 2.32 1.40 0.08
CA HIS A 129 1.23 0.75 -0.71
C HIS A 129 1.11 1.64 -1.95
N SER A 130 0.16 1.30 -2.79
CA SER A 130 -0.10 1.99 -4.05
C SER A 130 1.07 1.89 -4.98
N TYR A 131 0.86 0.93 -5.82
CA TYR A 131 1.69 0.61 -6.95
C TYR A 131 1.30 1.66 -7.97
N GLU A 132 0.15 2.32 -7.82
CA GLU A 132 -0.20 3.35 -8.80
C GLU A 132 0.41 4.72 -8.47
N ASN A 133 0.91 4.92 -7.24
CA ASN A 133 1.49 6.21 -6.87
C ASN A 133 2.87 6.38 -7.50
N PRO A 134 3.12 7.45 -8.25
CA PRO A 134 4.45 7.64 -8.83
C PRO A 134 5.46 8.02 -7.77
N ILE A 135 6.70 7.54 -7.97
CA ILE A 135 7.73 7.76 -6.97
C ILE A 135 8.23 9.20 -7.03
N VAL A 136 8.30 9.78 -8.22
CA VAL A 136 8.73 11.17 -8.40
C VAL A 136 7.64 11.91 -9.16
N GLY A 137 7.33 13.11 -8.70
CA GLY A 137 6.44 14.01 -9.42
C GLY A 137 7.17 15.31 -9.71
N LEU A 138 6.99 15.82 -10.92
CA LEU A 138 7.64 17.06 -11.32
C LEU A 138 6.61 18.00 -11.91
N GLN A 139 6.68 19.27 -11.51
CA GLN A 139 5.90 20.30 -12.15
C GLN A 139 6.84 21.40 -12.62
N MET A 140 6.78 21.70 -13.91
CA MET A 140 7.50 22.80 -14.53
C MET A 140 6.48 23.87 -14.86
N SER A 141 6.54 24.98 -14.15
CA SER A 141 5.63 26.09 -14.33
C SER A 141 6.40 27.21 -15.01
N TYR A 142 6.01 27.53 -16.23
CA TYR A 142 6.69 28.55 -17.02
C TYR A 142 5.96 29.88 -16.84
N PHE A 143 6.69 30.88 -16.36
CA PHE A 143 6.09 32.19 -16.11
C PHE A 143 5.99 32.97 -17.41
N LYS A 144 5.37 34.15 -17.33
CA LYS A 144 4.81 34.79 -18.53
C LYS A 144 5.87 35.02 -19.61
N CYS A 145 7.11 35.29 -19.23
CA CYS A 145 8.18 35.58 -20.18
C CYS A 145 9.33 34.59 -20.09
N GLY A 146 9.04 33.35 -19.71
CA GLY A 146 10.00 32.26 -19.82
C GLY A 146 10.62 31.80 -18.53
N GLY A 147 10.41 32.50 -17.42
CA GLY A 147 10.95 32.03 -16.16
C GLY A 147 10.36 30.70 -15.73
N LEU A 148 11.14 29.92 -15.01
CA LEU A 148 10.83 28.52 -14.76
C LEU A 148 10.78 28.21 -13.26
N ALA A 149 9.74 27.50 -12.84
CA ALA A 149 9.68 26.93 -11.51
C ALA A 149 9.69 25.42 -11.68
N ILE A 150 10.79 24.80 -11.24
CA ILE A 150 10.93 23.34 -11.25
C ILE A 150 10.64 22.87 -9.84
N CYS A 151 9.55 22.14 -9.66
CA CYS A 151 9.20 21.57 -8.36
C CYS A 151 9.25 20.05 -8.44
N MET A 152 9.95 19.45 -7.48
CA MET A 152 10.13 18.01 -7.41
C MET A 152 9.55 17.49 -6.09
N TYR A 153 8.77 16.43 -6.19
CA TYR A 153 8.05 15.82 -5.08
C TYR A 153 8.52 14.36 -5.09
N LEU A 154 9.44 14.02 -4.19
CA LEU A 154 10.12 12.72 -4.25
C LEU A 154 9.82 11.91 -3.00
N SER A 155 9.66 10.59 -3.18
CA SER A 155 9.32 9.71 -2.07
C SER A 155 10.54 9.39 -1.22
N HIS A 156 10.44 9.64 0.08
CA HIS A 156 11.56 9.40 0.99
C HIS A 156 11.81 7.92 1.24
N VAL A 157 10.87 7.04 0.87
CA VAL A 157 11.08 5.61 1.07
C VAL A 157 12.15 5.09 0.10
N VAL A 158 12.24 5.70 -1.08
CA VAL A 158 13.21 5.28 -2.08
C VAL A 158 14.51 6.05 -1.95
N ALA A 159 14.44 7.33 -1.59
CA ALA A 159 15.60 8.21 -1.66
C ALA A 159 15.65 9.14 -0.46
N ASP A 160 16.87 9.52 -0.08
CA ASP A 160 17.11 10.52 0.95
C ASP A 160 17.56 11.83 0.30
N GLY A 161 17.94 12.80 1.13
CA GLY A 161 18.34 14.10 0.61
C GLY A 161 19.53 14.00 -0.33
N TYR A 162 20.50 13.16 -0.01
CA TYR A 162 21.65 13.00 -0.89
C TYR A 162 21.22 12.47 -2.26
N THR A 163 20.31 11.49 -2.28
CA THR A 163 19.87 10.92 -3.56
C THR A 163 19.06 11.93 -4.37
N ALA A 164 18.20 12.70 -3.70
CA ALA A 164 17.47 13.77 -4.39
C ALA A 164 18.45 14.78 -4.99
N ALA A 165 19.46 15.18 -4.23
CA ALA A 165 20.44 16.13 -4.74
C ALA A 165 21.23 15.55 -5.90
N ALA A 166 21.59 14.27 -5.84
CA ALA A 166 22.33 13.65 -6.93
C ALA A 166 21.48 13.57 -8.19
N PHE A 167 20.20 13.22 -8.03
CA PHE A 167 19.28 13.23 -9.16
C PHE A 167 19.21 14.62 -9.79
N THR A 168 19.02 15.65 -8.96
CA THR A 168 18.97 17.03 -9.46
C THR A 168 20.26 17.41 -10.17
N LYS A 169 21.40 17.06 -9.59
CA LYS A 169 22.68 17.42 -10.17
C LYS A 169 22.88 16.74 -11.52
N GLU A 170 22.54 15.46 -11.62
CA GLU A 170 22.68 14.76 -12.89
C GLU A 170 21.76 15.34 -13.95
N TRP A 171 20.51 15.64 -13.57
CA TRP A 171 19.57 16.21 -14.53
C TRP A 171 20.06 17.57 -15.03
N SER A 172 20.48 18.43 -14.11
CA SER A 172 20.95 19.77 -14.52
C SER A 172 22.20 19.67 -15.37
N ASN A 173 23.11 18.76 -15.02
CA ASN A 173 24.31 18.59 -15.83
C ASN A 173 23.96 18.08 -17.22
N THR A 174 23.02 17.14 -17.32
CA THR A 174 22.63 16.63 -18.62
C THR A 174 22.01 17.72 -19.48
N THR A 175 21.11 18.52 -18.89
CA THR A 175 20.53 19.63 -19.65
C THR A 175 21.59 20.63 -20.07
N ASN A 176 22.54 20.93 -19.18
CA ASN A 176 23.59 21.89 -19.48
C ASN A 176 24.47 21.39 -20.62
N GLY A 177 24.79 20.09 -20.63
CA GLY A 177 25.55 19.53 -21.72
C GLY A 177 24.78 19.53 -23.03
N ILE A 178 23.47 19.24 -22.96
CA ILE A 178 22.64 19.25 -24.15
C ILE A 178 22.56 20.65 -24.75
N ILE A 179 22.58 21.69 -23.91
CA ILE A 179 22.44 23.04 -24.40
C ILE A 179 23.77 23.60 -24.88
N ASN A 180 24.81 23.53 -24.03
CA ASN A 180 26.06 24.26 -24.25
C ASN A 180 27.21 23.37 -24.70
N GLY A 181 26.94 22.18 -25.21
CA GLY A 181 28.09 21.37 -25.55
C GLY A 181 28.36 20.36 -24.47
N ASP A 182 28.87 19.20 -24.88
CA ASP A 182 28.88 18.12 -23.92
C ASP A 182 30.20 18.11 -23.15
N GLN A 183 31.12 19.03 -23.49
CA GLN A 183 32.40 19.22 -22.83
C GLN A 183 32.29 19.61 -21.34
N LEU A 184 31.13 20.14 -20.94
CA LEU A 184 30.82 20.49 -19.57
C LEU A 184 30.21 19.31 -18.83
N VAL A 185 30.76 18.10 -19.01
CA VAL A 185 30.21 16.89 -18.41
C VAL A 185 30.87 16.55 -17.09
N SER A 186 30.07 16.00 -16.18
CA SER A 186 30.54 15.49 -14.89
C SER A 186 29.72 14.25 -14.50
N SER A 187 29.48 13.36 -15.46
CA SER A 187 28.57 12.24 -15.29
C SER A 187 29.32 11.05 -14.68
N SER A 188 29.10 10.80 -13.39
CA SER A 188 29.61 9.71 -12.58
C SER A 188 28.46 8.75 -12.29
N PRO A 189 28.71 7.44 -12.23
CA PRO A 189 27.62 6.49 -12.11
C PRO A 189 26.97 6.49 -10.73
N ILE A 190 25.76 5.95 -10.70
CA ILE A 190 24.99 5.72 -9.49
C ILE A 190 24.58 4.26 -9.53
N ASN A 191 24.44 3.65 -8.35
CA ASN A 191 24.37 2.19 -8.30
C ASN A 191 23.05 1.66 -7.75
N PHE A 192 22.61 2.09 -6.56
CA PHE A 192 21.33 1.66 -5.97
C PHE A 192 21.35 0.20 -5.53
N GLU A 193 22.46 -0.26 -4.94
CA GLU A 193 22.59 -1.69 -4.65
C GLU A 193 23.01 -1.95 -3.21
N LEU A 194 22.58 -1.09 -2.28
CA LEU A 194 22.97 -1.25 -0.88
C LEU A 194 22.21 -2.37 -0.19
N ALA A 195 21.13 -2.86 -0.81
CA ALA A 195 20.41 -4.00 -0.25
C ALA A 195 21.25 -5.28 -0.20
N THR A 196 22.37 -5.31 -0.93
CA THR A 196 23.28 -6.46 -0.82
C THR A 196 23.81 -6.60 0.61
N LEU A 197 24.11 -5.48 1.27
CA LEU A 197 24.74 -5.50 2.59
C LEU A 197 23.74 -5.37 3.73
N VAL A 198 22.70 -4.56 3.58
CA VAL A 198 21.62 -4.57 4.57
C VAL A 198 20.30 -4.78 3.85
N PRO A 199 19.86 -6.03 3.70
CA PRO A 199 18.57 -6.27 3.06
C PRO A 199 17.43 -5.87 3.98
N ALA A 200 16.28 -5.59 3.37
CA ALA A 200 15.05 -5.42 4.13
C ALA A 200 14.75 -6.70 4.91
N ARG A 201 14.20 -6.53 6.11
CA ARG A 201 13.97 -7.67 7.00
C ARG A 201 12.74 -7.38 7.85
N ASP A 202 12.34 -8.39 8.63
CA ASP A 202 11.29 -8.23 9.62
C ASP A 202 11.85 -7.49 10.84
N LEU A 203 11.35 -6.29 11.12
CA LEU A 203 11.84 -5.46 12.21
C LEU A 203 10.91 -5.44 13.41
N SER A 204 10.07 -6.45 13.58
CA SER A 204 9.24 -6.53 14.78
C SER A 204 10.07 -6.70 16.03
N THR A 205 11.29 -7.22 15.87
CA THR A 205 12.22 -7.42 16.94
C THR A 205 13.22 -6.27 17.08
N VAL A 206 13.19 -5.31 16.15
CA VAL A 206 14.22 -4.30 16.06
C VAL A 206 13.72 -2.89 16.37
N ILE A 207 12.45 -2.58 16.10
CA ILE A 207 11.97 -1.21 16.05
C ILE A 207 10.89 -0.98 17.12
N LYS A 208 11.07 0.07 17.90
CA LYS A 208 10.07 0.59 18.83
C LYS A 208 8.82 1.07 18.10
N PRO A 209 7.62 0.59 18.48
CA PRO A 209 6.36 1.28 18.11
C PRO A 209 5.77 2.06 19.28
N ALA A 210 4.90 3.06 19.03
CA ALA A 210 4.45 3.96 20.10
C ALA A 210 3.35 4.91 19.61
N VAL A 211 2.83 5.72 20.56
CA VAL A 211 2.04 6.97 20.44
C VAL A 211 1.29 7.20 21.77
N MET A 212 0.72 8.39 21.97
CA MET A 212 -0.03 8.71 23.19
C MET A 212 -1.00 9.88 22.96
N PRO A 213 -2.10 9.98 23.74
CA PRO A 213 -3.24 10.88 23.37
C PRO A 213 -2.95 12.37 23.43
N PRO A 214 -2.40 12.91 24.54
CA PRO A 214 -2.25 14.39 24.57
C PRO A 214 -1.43 14.90 23.42
N SER A 215 -0.45 14.10 22.96
CA SER A 215 0.28 14.43 21.74
C SER A 215 -0.61 14.26 20.51
N LYS A 216 -1.61 13.39 20.58
CA LYS A 216 -2.44 13.12 19.41
C LYS A 216 -3.68 13.99 19.40
N ILE A 217 -3.49 15.30 19.59
CA ILE A 217 -4.53 16.23 19.20
C ILE A 217 -4.29 16.48 17.72
N LYS A 218 -5.21 16.02 16.87
CA LYS A 218 -4.98 15.98 15.44
C LYS A 218 -5.53 17.16 14.70
N GLU A 219 -6.54 17.86 15.22
CA GLU A 219 -7.05 18.96 14.43
C GLU A 219 -6.00 20.07 14.44
N THR A 220 -4.97 19.83 13.66
CA THR A 220 -3.88 20.75 13.43
C THR A 220 -4.05 21.38 12.06
N LYS A 221 -3.68 22.64 11.93
CA LYS A 221 -3.68 23.28 10.62
C LYS A 221 -2.26 23.78 10.44
N VAL A 222 -1.42 22.96 9.80
CA VAL A 222 -0.01 23.32 9.69
C VAL A 222 0.16 24.43 8.66
N VAL A 223 0.87 25.48 9.06
CA VAL A 223 1.23 26.57 8.17
C VAL A 223 2.75 26.71 8.18
N THR A 224 3.25 27.40 7.16
CA THR A 224 4.68 27.60 6.96
C THR A 224 5.00 29.09 6.94
N ARG A 225 6.08 29.46 7.61
CA ARG A 225 6.61 30.81 7.61
C ARG A 225 8.11 30.75 7.31
N ARG A 226 8.61 31.82 6.70
CA ARG A 226 10.00 31.93 6.31
C ARG A 226 10.71 32.94 7.21
N PHE A 227 11.82 32.53 7.80
CA PHE A 227 12.67 33.40 8.60
C PHE A 227 14.03 33.49 7.93
N LEU A 228 14.55 34.69 7.76
CA LEU A 228 15.86 34.88 7.14
C LEU A 228 16.84 35.31 8.23
N PHE A 229 17.78 34.42 8.57
CA PHE A 229 18.85 34.76 9.51
C PHE A 229 20.03 35.26 8.70
N ASP A 230 20.18 36.59 8.68
CA ASP A 230 21.21 37.24 7.89
C ASP A 230 22.60 37.04 8.51
N GLU A 231 23.62 37.44 7.74
CA GLU A 231 25.01 37.25 8.16
C GLU A 231 25.31 38.02 9.45
N ASN A 232 24.81 39.24 9.57
CA ASN A 232 25.10 40.04 10.76
C ASN A 232 24.42 39.46 11.99
N ALA A 233 23.18 39.00 11.85
CA ALA A 233 22.48 38.37 12.96
C ALA A 233 23.20 37.08 13.39
N ILE A 234 23.65 36.28 12.42
CA ILE A 234 24.36 35.05 12.76
C ILE A 234 25.66 35.37 13.48
N SER A 235 26.37 36.42 13.06
CA SER A 235 27.59 36.81 13.76
C SER A 235 27.28 37.27 15.18
N ALA A 236 26.20 38.02 15.37
CA ALA A 236 25.81 38.44 16.71
C ALA A 236 25.49 37.24 17.59
N PHE A 237 24.76 36.27 17.05
CA PHE A 237 24.45 35.06 17.81
C PHE A 237 25.73 34.30 18.15
N LYS A 238 26.65 34.20 17.20
CA LYS A 238 27.92 33.51 17.44
C LYS A 238 28.69 34.17 18.57
N ASP A 239 28.72 35.50 18.61
CA ASP A 239 29.40 36.18 19.70
C ASP A 239 28.68 35.99 21.02
N HIS A 240 27.34 36.03 20.99
CA HIS A 240 26.54 35.79 22.19
C HIS A 240 26.81 34.41 22.76
N VAL A 241 27.16 33.45 21.91
CA VAL A 241 27.46 32.09 22.37
C VAL A 241 28.91 31.97 22.85
N ILE A 242 29.87 32.36 21.99
CA ILE A 242 31.29 32.30 22.35
C ILE A 242 31.52 32.99 23.69
N LYS A 243 30.73 34.06 23.98
CA LYS A 243 30.79 34.77 25.27
C LYS A 243 30.85 33.82 26.42
N SER A 244 30.12 32.71 26.29
CA SER A 244 30.10 31.67 27.31
C SER A 244 31.37 30.82 27.28
N GLU A 245 32.00 30.73 26.12
CA GLU A 245 33.08 29.81 25.79
C GLU A 245 32.95 28.40 26.39
N SER A 246 31.73 27.89 26.51
CA SER A 246 31.60 26.46 26.83
C SER A 246 31.59 25.59 25.59
N VAL A 247 31.52 26.20 24.41
CA VAL A 247 31.79 25.57 23.12
C VAL A 247 32.71 26.50 22.34
N ASN A 248 33.49 25.95 21.42
CA ASN A 248 34.50 26.69 20.64
C ASN A 248 34.17 26.60 19.16
N ARG A 249 34.27 27.75 18.42
CA ARG A 249 33.85 27.76 17.02
C ARG A 249 32.47 27.23 16.73
N PRO A 250 31.41 27.89 17.18
CA PRO A 250 30.07 27.47 16.80
C PRO A 250 29.84 27.76 15.33
N THR A 251 29.12 26.87 14.66
CA THR A 251 28.82 27.01 13.25
C THR A 251 27.54 27.83 13.04
N ARG A 252 27.29 28.20 11.78
CA ARG A 252 26.04 28.88 11.45
C ARG A 252 24.84 28.00 11.77
N VAL A 253 24.88 26.75 11.32
CA VAL A 253 23.76 25.84 11.53
C VAL A 253 23.52 25.63 13.01
N GLU A 254 24.59 25.48 13.79
CA GLU A 254 24.44 25.28 15.24
C GLU A 254 23.70 26.44 15.89
N VAL A 255 24.14 27.67 15.61
CA VAL A 255 23.53 28.82 16.30
C VAL A 255 22.10 29.04 15.81
N VAL A 256 21.86 28.88 14.51
CA VAL A 256 20.51 29.11 14.00
C VAL A 256 19.56 28.05 14.56
N THR A 257 20.01 26.80 14.60
CA THR A 257 19.18 25.74 15.16
C THR A 257 18.96 25.93 16.65
N SER A 258 19.97 26.44 17.36
CA SER A 258 19.81 26.70 18.80
C SER A 258 18.78 27.78 19.05
N VAL A 259 18.82 28.87 18.27
CA VAL A 259 17.85 29.94 18.45
C VAL A 259 16.45 29.43 18.16
N LEU A 260 16.28 28.76 17.02
CA LEU A 260 14.96 28.22 16.68
C LEU A 260 14.50 27.21 17.73
N TRP A 261 15.42 26.42 18.27
CA TRP A 261 15.05 25.39 19.23
C TRP A 261 14.64 26.00 20.56
N LYS A 262 15.34 27.06 20.99
CA LYS A 262 14.93 27.77 22.19
C LYS A 262 13.54 28.36 22.02
N ALA A 263 13.25 28.94 20.84
CA ALA A 263 11.92 29.48 20.61
C ALA A 263 10.87 28.36 20.62
N LEU A 264 11.19 27.22 20.00
CA LEU A 264 10.26 26.09 20.01
C LEU A 264 10.00 25.58 21.42
N ILE A 265 11.06 25.51 22.24
CA ILE A 265 10.91 25.05 23.62
C ILE A 265 10.06 26.03 24.42
N ASN A 266 10.26 27.34 24.18
CA ASN A 266 9.47 28.34 24.90
C ASN A 266 8.01 28.31 24.48
N GLN A 267 7.75 27.96 23.21
CA GLN A 267 6.38 27.82 22.75
C GLN A 267 5.77 26.48 23.16
N SER A 268 6.61 25.51 23.53
CA SER A 268 6.21 24.10 23.53
C SER A 268 5.06 23.82 24.49
N LYS A 269 5.13 24.35 25.72
CA LYS A 269 4.23 24.06 26.83
C LYS A 269 4.56 22.71 27.46
N LEU A 270 5.57 22.01 26.98
CA LEU A 270 6.08 20.81 27.59
C LEU A 270 7.49 21.09 28.13
N PRO A 271 7.91 20.42 29.21
CA PRO A 271 9.19 20.80 29.83
C PRO A 271 10.42 20.27 29.12
N SER A 272 10.32 19.17 28.37
CA SER A 272 11.47 18.59 27.69
C SER A 272 11.24 18.56 26.18
N SER A 273 12.34 18.56 25.43
CA SER A 273 12.28 18.61 23.98
C SER A 273 13.30 17.65 23.38
N THR A 274 13.01 17.16 22.17
CA THR A 274 13.95 16.35 21.42
C THR A 274 13.99 16.86 20.00
N LEU A 275 15.17 17.31 19.57
CA LEU A 275 15.39 17.82 18.22
C LEU A 275 16.26 16.83 17.48
N TYR A 276 15.78 16.31 16.36
CA TYR A 276 16.57 15.35 15.60
C TYR A 276 16.72 15.82 14.17
N PHE A 277 17.93 15.66 13.65
CA PHE A 277 18.20 15.90 12.24
C PHE A 277 18.70 14.60 11.61
N HIS A 278 19.18 14.70 10.38
CA HIS A 278 19.72 13.56 9.65
C HIS A 278 21.22 13.72 9.48
N LEU A 279 21.95 12.61 9.61
CA LEU A 279 23.37 12.59 9.34
C LEU A 279 23.62 11.55 8.26
N ASN A 280 24.21 11.98 7.16
CA ASN A 280 24.45 11.11 6.01
C ASN A 280 25.65 10.23 6.27
N PHE A 281 25.44 8.91 6.22
CA PHE A 281 26.50 7.94 6.50
C PHE A 281 27.59 7.93 5.44
N ARG A 282 27.41 8.63 4.32
CA ARG A 282 28.23 8.38 3.14
C ARG A 282 29.69 8.79 3.36
N GLY A 283 29.93 10.05 3.68
CA GLY A 283 31.31 10.48 3.82
C GLY A 283 31.95 10.24 5.16
N LYS A 284 31.29 9.53 6.08
CA LYS A 284 31.72 9.49 7.46
C LYS A 284 32.02 8.07 7.96
N THR A 285 32.25 7.12 7.07
CA THR A 285 32.57 5.77 7.50
C THR A 285 33.61 5.17 6.56
N GLY A 286 34.23 4.07 7.01
CA GLY A 286 35.34 3.47 6.30
C GLY A 286 35.12 2.13 5.63
N ILE A 287 33.88 1.61 5.59
CA ILE A 287 33.66 0.30 4.98
C ILE A 287 33.74 0.42 3.45
N ASN A 288 34.11 -0.68 2.79
CA ASN A 288 34.24 -0.69 1.34
C ASN A 288 33.72 -1.98 0.68
N THR A 289 32.81 -2.69 1.33
CA THR A 289 32.17 -3.85 0.75
C THR A 289 31.25 -3.35 -0.39
N PRO A 290 30.93 -4.19 -1.39
CA PRO A 290 30.78 -3.69 -2.79
C PRO A 290 30.14 -2.32 -2.89
N PRO A 291 28.87 -2.13 -2.51
CA PRO A 291 28.23 -0.83 -2.81
C PRO A 291 28.90 0.32 -2.09
N LEU A 292 29.72 0.05 -1.06
CA LEU A 292 30.40 1.07 -0.29
C LEU A 292 31.84 1.27 -0.75
N ASP A 293 32.19 0.76 -1.94
CA ASP A 293 33.46 1.16 -2.54
C ASP A 293 33.46 2.63 -2.89
N ASN A 294 32.35 3.12 -3.44
CA ASN A 294 32.17 4.52 -3.84
C ASN A 294 30.95 5.05 -3.08
N HIS A 295 31.21 5.71 -1.95
CA HIS A 295 30.11 6.21 -1.13
C HIS A 295 29.27 7.22 -1.89
N PHE A 296 29.91 8.06 -2.70
CA PHE A 296 29.20 9.14 -3.38
C PHE A 296 28.41 8.68 -4.59
N SER A 297 28.61 7.45 -5.06
CA SER A 297 27.80 6.86 -6.12
C SER A 297 26.61 6.07 -5.63
N LEU A 298 26.56 5.71 -4.36
CA LEU A 298 25.47 4.87 -3.86
C LEU A 298 24.24 5.72 -3.55
N CYS A 299 23.09 5.24 -3.97
CA CYS A 299 21.83 5.95 -3.82
C CYS A 299 20.88 5.13 -2.96
N GLY A 300 19.86 5.81 -2.46
CA GLY A 300 18.96 5.26 -1.48
C GLY A 300 19.21 5.89 -0.11
N ASN A 301 18.40 5.46 0.85
CA ASN A 301 18.53 5.95 2.22
C ASN A 301 19.78 5.35 2.84
N PHE A 302 20.68 6.22 3.29
CA PHE A 302 21.92 5.81 3.93
C PHE A 302 22.28 6.90 4.94
N TYR A 303 21.50 6.96 6.01
CA TYR A 303 21.65 8.00 7.02
C TYR A 303 21.26 7.44 8.37
N THR A 304 21.48 8.25 9.41
CA THR A 304 20.93 7.99 10.73
C THR A 304 20.28 9.24 11.26
N GLN A 305 19.24 9.06 12.05
CA GLN A 305 18.69 10.17 12.82
C GLN A 305 19.65 10.53 13.94
N VAL A 306 19.76 11.82 14.22
CA VAL A 306 20.55 12.34 15.31
C VAL A 306 19.61 13.10 16.23
N PRO A 307 19.16 12.46 17.33
CA PRO A 307 18.27 13.13 18.28
C PRO A 307 18.99 13.67 19.50
N THR A 308 18.90 14.99 19.68
CA THR A 308 19.41 15.67 20.86
C THR A 308 18.26 15.88 21.84
N ARG A 309 18.45 15.42 23.08
CA ARG A 309 17.40 15.45 24.09
C ARG A 309 17.72 16.56 25.10
N PHE A 310 16.95 17.64 25.02
CA PHE A 310 16.94 18.61 26.10
C PHE A 310 15.96 18.13 27.16
N ARG A 311 16.44 17.92 28.38
CA ARG A 311 15.61 17.46 29.47
C ARG A 311 15.52 18.59 30.49
N GLY A 312 14.32 19.17 30.62
CA GLY A 312 14.07 20.14 31.65
C GLY A 312 13.73 19.44 32.95
N GLY A 313 14.66 19.48 33.91
CA GLY A 313 14.52 18.78 35.17
C GLY A 313 13.98 19.71 36.23
N ASN A 314 14.87 20.39 36.96
CA ASN A 314 14.48 21.37 37.96
C ASN A 314 15.01 22.75 37.62
N GLN A 315 15.24 22.99 36.33
CA GLN A 315 15.55 24.31 35.79
C GLN A 315 14.33 24.91 35.13
N THR A 316 14.25 26.23 35.16
CA THR A 316 13.18 26.95 34.50
C THR A 316 13.53 27.15 33.03
N LYS A 317 12.49 27.29 32.20
CA LYS A 317 12.70 27.69 30.82
C LYS A 317 13.35 29.07 30.73
N GLN A 318 13.21 29.89 31.78
CA GLN A 318 13.84 31.20 31.78
C GLN A 318 15.36 31.09 31.84
N ASP A 319 15.87 30.03 32.48
CA ASP A 319 17.32 29.82 32.57
C ASP A 319 17.90 29.16 31.34
N LEU A 320 17.11 28.87 30.31
CA LEU A 320 17.64 28.30 29.08
C LEU A 320 18.53 29.30 28.37
N GLU A 321 19.70 28.85 27.92
CA GLU A 321 20.65 29.70 27.22
C GLU A 321 21.08 29.01 25.93
N LEU A 322 21.49 29.84 24.96
CA LEU A 322 21.86 29.32 23.64
C LEU A 322 22.96 28.25 23.74
N HIS A 323 23.98 28.54 24.54
CA HIS A 323 25.16 27.68 24.56
C HIS A 323 24.85 26.28 25.08
N GLU A 324 23.81 26.13 25.92
CA GLU A 324 23.46 24.80 26.38
C GLU A 324 22.87 23.95 25.26
N LEU A 325 21.98 24.55 24.46
CA LEU A 325 21.46 23.86 23.28
C LEU A 325 22.60 23.52 22.31
N VAL A 326 23.52 24.47 22.10
CA VAL A 326 24.65 24.21 21.22
C VAL A 326 25.48 23.04 21.74
N LYS A 327 25.72 23.01 23.05
CA LYS A 327 26.55 21.95 23.62
C LYS A 327 25.85 20.60 23.57
N LEU A 328 24.53 20.58 23.73
CA LEU A 328 23.80 19.32 23.61
C LEU A 328 23.86 18.79 22.18
N LEU A 329 23.61 19.66 21.20
CA LEU A 329 23.73 19.24 19.80
C LEU A 329 25.14 18.73 19.50
N ARG A 330 26.15 19.43 20.00
CA ARG A 330 27.54 19.06 19.75
C ARG A 330 27.87 17.72 20.39
N GLY A 331 27.43 17.50 21.63
CA GLY A 331 27.68 16.23 22.30
C GLY A 331 27.03 15.07 21.59
N LYS A 332 25.76 15.25 21.18
CA LYS A 332 25.07 14.15 20.49
C LYS A 332 25.73 13.84 19.16
N LEU A 333 26.09 14.87 18.38
CA LEU A 333 26.74 14.64 17.10
C LEU A 333 28.11 13.97 17.29
N ARG A 334 28.89 14.44 18.25
CA ARG A 334 30.19 13.85 18.52
C ARG A 334 30.07 12.38 18.93
N ASN A 335 29.10 12.07 19.81
CA ASN A 335 28.91 10.69 20.21
C ASN A 335 28.52 9.81 19.03
N THR A 336 27.65 10.32 18.16
CA THR A 336 27.26 9.54 16.99
C THR A 336 28.44 9.33 16.04
N LEU A 337 29.27 10.35 15.87
CA LEU A 337 30.46 10.21 15.01
C LEU A 337 31.44 9.20 15.60
N LYS A 338 31.67 9.26 16.91
CA LYS A 338 32.53 8.30 17.57
C LYS A 338 31.99 6.88 17.40
N ASN A 339 30.68 6.69 17.52
CA ASN A 339 30.10 5.38 17.28
C ASN A 339 30.31 4.91 15.85
N CYS A 340 30.06 5.81 14.88
CA CYS A 340 30.22 5.44 13.47
C CYS A 340 31.66 5.09 13.11
N SER A 341 32.63 5.77 13.73
CA SER A 341 34.03 5.39 13.54
C SER A 341 34.26 3.91 13.79
N GLU A 342 33.63 3.36 14.82
CA GLU A 342 33.98 2.03 15.32
C GLU A 342 33.12 0.91 14.75
N ILE A 343 32.28 1.16 13.76
CA ILE A 343 31.46 0.06 13.28
C ILE A 343 32.16 -0.56 12.08
N ASN A 344 32.03 -1.88 11.98
CA ASN A 344 32.75 -2.70 11.02
C ASN A 344 31.97 -2.99 9.76
N THR A 345 30.66 -3.19 9.88
CA THR A 345 29.79 -3.56 8.77
C THR A 345 28.68 -2.53 8.64
N ALA A 346 28.09 -2.49 7.44
CA ALA A 346 26.96 -1.61 7.19
C ALA A 346 25.74 -1.99 8.02
N ASP A 347 25.59 -3.28 8.34
CA ASP A 347 24.50 -3.70 9.21
C ASP A 347 24.62 -3.06 10.59
N GLY A 348 25.85 -2.87 11.07
CA GLY A 348 26.03 -2.16 12.32
C GLY A 348 25.60 -0.71 12.24
N LEU A 349 25.77 -0.07 11.08
CA LEU A 349 25.32 1.31 10.95
C LEU A 349 23.80 1.37 10.85
N PHE A 350 23.17 0.35 10.25
CA PHE A 350 21.72 0.27 10.37
C PHE A 350 21.29 0.08 11.82
N LEU A 351 22.06 -0.70 12.58
CA LEU A 351 21.71 -0.92 13.98
C LEU A 351 21.82 0.37 14.79
N GLU A 352 22.82 1.21 14.47
CA GLU A 352 22.92 2.51 15.13
C GLU A 352 21.75 3.41 14.75
N ALA A 353 21.39 3.44 13.45
CA ALA A 353 20.21 4.19 13.03
C ALA A 353 18.96 3.70 13.74
N ALA A 354 18.83 2.38 13.92
CA ALA A 354 17.66 1.82 14.59
C ALA A 354 17.64 2.17 16.07
N SER A 355 18.81 2.20 16.71
CA SER A 355 18.91 2.69 18.08
C SER A 355 18.36 4.10 18.19
N ASN A 356 18.81 4.99 17.28
CA ASN A 356 18.33 6.37 17.32
C ASN A 356 16.84 6.46 17.01
N PHE A 357 16.36 5.62 16.10
CA PHE A 357 14.93 5.57 15.79
C PHE A 357 14.12 5.16 17.02
N ASN A 358 14.60 4.17 17.77
CA ASN A 358 13.91 3.74 18.98
C ASN A 358 13.90 4.85 20.03
N ILE A 359 15.03 5.56 20.16
CA ILE A 359 15.06 6.70 21.08
C ILE A 359 14.00 7.72 20.70
N ILE A 360 13.90 8.03 19.40
CA ILE A 360 12.92 9.02 18.94
C ILE A 360 11.51 8.54 19.22
N GLN A 361 11.25 7.24 19.02
CA GLN A 361 9.91 6.72 19.28
C GLN A 361 9.57 6.80 20.77
N GLU A 362 10.52 6.42 21.63
CA GLU A 362 10.34 6.57 23.06
C GLU A 362 10.00 8.01 23.43
N ASP A 363 10.66 8.99 22.78
CA ASP A 363 10.36 10.39 23.06
C ASP A 363 9.00 10.81 22.51
N LEU A 364 8.60 10.22 21.37
CA LEU A 364 7.27 10.50 20.82
C LEU A 364 6.18 10.03 21.74
N GLU A 365 6.44 8.96 22.46
CA GLU A 365 5.47 8.27 23.31
C GLU A 365 5.36 8.88 24.70
N ASP A 366 6.12 9.93 25.01
CA ASP A 366 6.10 10.57 26.32
C ASP A 366 5.20 11.81 26.31
N GLU A 367 4.38 11.95 27.36
CA GLU A 367 3.58 13.16 27.51
C GLU A 367 4.42 14.38 27.86
N GLN A 368 5.73 14.21 28.04
CA GLN A 368 6.59 15.26 28.56
C GLN A 368 7.56 15.82 27.54
N VAL A 369 7.65 15.23 26.35
CA VAL A 369 8.68 15.55 25.37
C VAL A 369 8.02 16.01 24.09
N ASP A 370 8.43 17.16 23.58
CA ASP A 370 7.97 17.68 22.30
C ASP A 370 9.04 17.34 21.26
N VAL A 371 8.68 16.49 20.30
CA VAL A 371 9.62 16.04 19.27
C VAL A 371 9.49 16.96 18.07
N ARG A 372 10.62 17.55 17.65
CA ARG A 372 10.67 18.49 16.54
C ARG A 372 11.65 17.99 15.50
N ILE A 373 11.19 17.92 14.25
CA ILE A 373 11.99 17.43 13.13
C ILE A 373 12.75 18.60 12.52
N PHE A 374 14.04 18.38 12.25
CA PHE A 374 14.89 19.37 11.59
C PHE A 374 15.58 18.71 10.41
N THR A 375 15.56 19.37 9.25
CA THR A 375 16.27 18.92 8.06
C THR A 375 17.15 20.08 7.58
N THR A 376 18.46 19.92 7.66
CA THR A 376 19.39 20.96 7.22
C THR A 376 19.91 20.62 5.83
N LEU A 377 19.69 21.53 4.89
CA LEU A 377 20.23 21.43 3.55
C LEU A 377 21.39 22.40 3.33
N CYS A 378 21.90 23.01 4.41
CA CYS A 378 22.94 23.99 4.26
C CYS A 378 24.27 23.31 3.92
N ARG A 379 25.17 24.09 3.33
CA ARG A 379 26.41 23.58 2.74
C ARG A 379 26.15 22.49 1.70
N MET A 380 24.91 22.37 1.21
CA MET A 380 24.66 21.63 -0.02
C MET A 380 24.57 22.63 -1.16
N PRO A 381 25.31 22.43 -2.26
CA PRO A 381 25.38 23.45 -3.30
C PRO A 381 24.11 23.56 -4.13
N LEU A 382 22.99 23.89 -3.46
CA LEU A 382 21.71 24.01 -4.15
C LEU A 382 21.73 25.17 -5.14
N TYR A 383 22.36 26.28 -4.78
CA TYR A 383 22.37 27.44 -5.66
C TYR A 383 23.43 27.36 -6.75
N GLU A 384 24.12 26.23 -6.89
CA GLU A 384 25.02 26.03 -8.02
C GLU A 384 24.51 24.97 -8.99
N THR A 385 23.32 24.42 -8.78
CA THR A 385 22.71 23.51 -9.73
C THR A 385 22.30 24.30 -10.97
N GLU A 386 22.99 24.09 -12.09
CA GLU A 386 22.77 24.88 -13.29
C GLU A 386 22.32 23.99 -14.43
N PHE A 387 21.21 24.37 -15.06
CA PHE A 387 20.64 23.63 -16.17
C PHE A 387 21.17 24.10 -17.52
N GLY A 388 21.97 25.15 -17.55
CA GLY A 388 22.60 25.58 -18.79
C GLY A 388 22.41 27.04 -19.15
N TRP A 389 21.78 27.82 -18.27
CA TRP A 389 21.57 29.23 -18.59
C TRP A 389 21.61 30.14 -17.38
N GLY A 390 21.98 29.66 -16.22
CA GLY A 390 22.05 30.50 -15.03
C GLY A 390 21.77 29.72 -13.78
N LYS A 391 22.25 30.25 -12.67
CA LYS A 391 22.03 29.64 -11.38
C LYS A 391 20.60 29.91 -10.91
N PRO A 392 20.11 29.14 -9.94
CA PRO A 392 18.75 29.39 -9.44
C PRO A 392 18.63 30.78 -8.82
N GLU A 393 17.49 31.42 -9.07
CA GLU A 393 17.19 32.68 -8.42
C GLU A 393 16.74 32.47 -6.98
N TRP A 394 16.13 31.32 -6.70
CA TRP A 394 15.62 31.02 -5.37
C TRP A 394 15.40 29.52 -5.28
N VAL A 395 15.65 28.96 -4.10
CA VAL A 395 15.42 27.54 -3.83
C VAL A 395 14.77 27.45 -2.46
N THR A 396 13.61 26.79 -2.38
CA THR A 396 12.99 26.59 -1.08
C THR A 396 12.19 25.29 -1.05
N ILE A 397 11.54 25.08 0.08
CA ILE A 397 10.64 23.96 0.32
C ILE A 397 9.24 24.54 0.44
N PRO A 398 8.28 24.11 -0.38
CA PRO A 398 6.93 24.65 -0.28
C PRO A 398 6.23 24.25 1.01
N GLU A 399 5.02 24.75 1.20
CA GLU A 399 4.26 24.51 2.42
C GLU A 399 4.17 23.02 2.73
N MET A 400 4.50 22.66 3.96
CA MET A 400 4.46 21.28 4.40
C MET A 400 3.15 20.99 5.11
N HIS A 401 2.79 19.72 5.15
CA HIS A 401 1.61 19.28 5.87
C HIS A 401 1.94 18.72 7.24
N LEU A 402 3.22 18.70 7.61
CA LEU A 402 3.66 18.24 8.92
C LEU A 402 4.54 19.30 9.56
N GLU A 403 4.65 19.23 10.89
CA GLU A 403 5.52 20.13 11.62
C GLU A 403 6.97 19.78 11.35
N ILE A 404 7.73 20.72 10.79
CA ILE A 404 9.11 20.46 10.40
C ILE A 404 9.82 21.81 10.25
N VAL A 405 11.15 21.77 10.23
CA VAL A 405 11.97 22.96 10.03
C VAL A 405 13.05 22.62 9.02
N PHE A 406 13.07 23.35 7.91
CA PHE A 406 14.10 23.18 6.88
C PHE A 406 15.11 24.33 6.97
N LEU A 407 16.39 23.99 6.92
CA LEU A 407 17.49 24.95 6.91
C LEU A 407 18.10 24.97 5.51
N LEU A 408 18.09 26.13 4.86
CA LEU A 408 18.65 26.26 3.52
C LEU A 408 19.67 27.39 3.50
N ASP A 409 20.58 27.30 2.54
CA ASP A 409 21.43 28.45 2.27
C ASP A 409 20.67 29.49 1.48
N THR A 410 21.10 30.74 1.64
CA THR A 410 20.75 31.82 0.74
C THR A 410 21.57 31.80 -0.54
N LYS A 411 21.07 32.53 -1.54
CA LYS A 411 21.68 32.55 -2.87
C LYS A 411 23.16 32.87 -2.80
N CYS A 412 23.53 33.87 -2.01
CA CYS A 412 24.92 34.21 -1.79
C CYS A 412 25.07 34.69 -0.36
N GLY A 413 26.31 34.70 0.10
CA GLY A 413 26.55 34.99 1.49
C GLY A 413 26.37 33.75 2.33
N THR A 414 26.40 33.95 3.65
CA THR A 414 26.38 32.83 4.59
C THR A 414 25.13 32.82 5.47
N GLY A 415 24.08 33.55 5.08
CA GLY A 415 22.85 33.55 5.82
C GLY A 415 22.10 32.25 5.64
N ILE A 416 21.09 32.03 6.49
CA ILE A 416 20.30 30.80 6.48
C ILE A 416 18.82 31.15 6.39
N GLU A 417 18.12 30.53 5.45
CA GLU A 417 16.67 30.59 5.37
C GLU A 417 16.09 29.42 6.17
N ALA A 418 15.26 29.72 7.15
CA ALA A 418 14.60 28.72 7.97
C ALA A 418 13.14 28.70 7.55
N LEU A 419 12.70 27.58 6.98
CA LEU A 419 11.31 27.37 6.61
C LEU A 419 10.67 26.55 7.72
N VAL A 420 9.84 27.20 8.52
CA VAL A 420 9.26 26.62 9.73
C VAL A 420 7.80 26.31 9.43
N SER A 421 7.41 25.05 9.62
CA SER A 421 6.02 24.62 9.47
C SER A 421 5.55 24.05 10.79
N MET A 422 4.44 24.56 11.29
CA MET A 422 3.89 24.16 12.58
C MET A 422 2.43 24.56 12.64
N ASP A 423 1.76 24.16 13.73
CA ASP A 423 0.34 24.43 13.87
C ASP A 423 0.09 25.93 13.97
N GLU A 424 -1.01 26.37 13.35
CA GLU A 424 -1.27 27.80 13.21
C GLU A 424 -1.41 28.48 14.56
N ALA A 425 -2.11 27.84 15.50
CA ALA A 425 -2.27 28.41 16.84
C ALA A 425 -0.92 28.60 17.51
N ASP A 426 0.01 27.65 17.31
CA ASP A 426 1.36 27.82 17.83
C ASP A 426 2.13 28.86 17.03
N MET A 427 2.01 28.81 15.70
CA MET A 427 2.81 29.69 14.85
C MET A 427 2.51 31.17 15.11
N LEU A 428 1.25 31.50 15.40
CA LEU A 428 0.89 32.90 15.57
C LEU A 428 1.59 33.52 16.76
N GLN A 429 1.88 32.73 17.80
CA GLN A 429 2.68 33.24 18.90
C GLN A 429 4.17 33.09 18.59
N PHE A 430 4.54 32.00 17.91
CA PHE A 430 5.94 31.71 17.62
C PHE A 430 6.58 32.82 16.81
N GLU A 431 5.86 33.36 15.83
CA GLU A 431 6.44 34.40 14.98
C GLU A 431 6.67 35.69 15.75
N LEU A 432 6.00 35.89 16.88
CA LEU A 432 6.18 37.07 17.70
C LEU A 432 7.15 36.86 18.86
N ASP A 433 7.89 35.75 18.86
CA ASP A 433 9.01 35.61 19.78
C ASP A 433 10.02 36.71 19.53
N PRO A 434 10.41 37.48 20.55
CA PRO A 434 11.29 38.64 20.30
C PRO A 434 12.64 38.29 19.72
N THR A 435 13.13 37.07 19.91
CA THR A 435 14.46 36.71 19.42
C THR A 435 14.48 36.37 17.93
N ILE A 436 13.33 36.09 17.31
CA ILE A 436 13.31 35.67 15.92
C ILE A 436 12.35 36.50 15.08
N SER A 437 11.50 37.30 15.73
CA SER A 437 10.48 38.03 15.00
C SER A 437 11.07 39.06 14.04
N ALA A 438 12.32 39.50 14.28
CA ALA A 438 12.96 40.42 13.35
C ALA A 438 13.35 39.75 12.04
N PHE A 439 13.42 38.42 12.02
CA PHE A 439 13.83 37.69 10.84
C PHE A 439 12.67 37.14 10.04
N ALA A 440 11.44 37.23 10.55
CA ALA A 440 10.29 36.72 9.84
C ALA A 440 9.98 37.61 8.64
N SER A 441 9.72 36.99 7.49
CA SER A 441 9.43 37.77 6.29
C SER A 441 8.03 38.37 6.36
N LEU A 442 7.07 37.62 6.89
CA LEU A 442 5.76 38.12 7.28
C LEU A 442 5.08 38.99 6.22
N ILE B 3 -39.08 -1.83 -15.01
CA ILE B 3 -38.43 -1.72 -16.31
C ILE B 3 -37.59 -2.94 -16.64
N MET B 4 -36.69 -3.32 -15.73
CA MET B 4 -35.71 -4.36 -16.01
C MET B 4 -36.31 -5.74 -15.85
N GLU B 5 -36.20 -6.56 -16.90
CA GLU B 5 -36.62 -7.95 -16.87
C GLU B 5 -35.49 -8.83 -17.36
N VAL B 6 -35.25 -9.93 -16.66
CA VAL B 6 -34.33 -10.98 -17.11
C VAL B 6 -35.19 -12.18 -17.50
N GLN B 7 -34.88 -12.78 -18.65
CA GLN B 7 -35.67 -13.89 -19.18
C GLN B 7 -34.73 -15.03 -19.55
N VAL B 8 -34.91 -16.18 -18.91
CA VAL B 8 -34.09 -17.36 -19.21
C VAL B 8 -34.46 -17.84 -20.61
N VAL B 9 -33.46 -17.94 -21.48
CA VAL B 9 -33.71 -18.31 -22.87
C VAL B 9 -33.27 -19.74 -23.19
N SER B 10 -32.30 -20.29 -22.46
CA SER B 10 -31.94 -21.69 -22.69
C SER B 10 -31.35 -22.28 -21.43
N LYS B 11 -31.43 -23.61 -21.34
CA LYS B 11 -30.84 -24.33 -20.22
C LYS B 11 -30.45 -25.73 -20.67
N LYS B 12 -29.21 -26.13 -20.41
CA LYS B 12 -28.75 -27.46 -20.80
C LYS B 12 -27.65 -27.93 -19.85
N MET B 13 -27.13 -29.13 -20.11
CA MET B 13 -25.95 -29.65 -19.44
C MET B 13 -24.81 -29.69 -20.45
N VAL B 14 -23.68 -29.07 -20.11
CA VAL B 14 -22.52 -29.06 -20.97
C VAL B 14 -21.49 -30.05 -20.44
N LYS B 15 -21.16 -31.04 -21.25
CA LYS B 15 -20.26 -32.12 -20.91
C LYS B 15 -18.87 -31.84 -21.48
N PRO B 16 -17.83 -32.51 -20.96
CA PRO B 16 -16.47 -32.30 -21.48
C PRO B 16 -16.35 -32.69 -22.94
N SER B 17 -15.45 -31.99 -23.64
CA SER B 17 -15.21 -32.22 -25.06
C SER B 17 -14.95 -33.69 -25.36
N VAL B 18 -14.16 -34.35 -24.53
CA VAL B 18 -13.84 -35.76 -24.70
C VAL B 18 -14.36 -36.51 -23.49
N PRO B 19 -14.91 -37.72 -23.65
CA PRO B 19 -15.37 -38.48 -22.49
C PRO B 19 -14.25 -38.72 -21.48
N THR B 20 -14.62 -38.76 -20.22
CA THR B 20 -13.64 -39.03 -19.17
C THR B 20 -13.20 -40.49 -19.26
N PRO B 21 -11.90 -40.77 -19.31
CA PRO B 21 -11.45 -42.16 -19.38
C PRO B 21 -11.91 -42.94 -18.16
N ASP B 22 -12.04 -44.26 -18.32
CA ASP B 22 -12.55 -45.09 -17.24
C ASP B 22 -11.62 -45.07 -16.04
N HIS B 23 -10.30 -44.99 -16.25
CA HIS B 23 -9.38 -44.97 -15.13
C HIS B 23 -9.41 -43.65 -14.37
N HIS B 24 -10.18 -42.68 -14.84
CA HIS B 24 -10.38 -41.40 -14.17
C HIS B 24 -11.82 -41.25 -13.69
N LYS B 25 -12.60 -42.33 -13.69
CA LYS B 25 -14.03 -42.24 -13.42
C LYS B 25 -14.31 -41.96 -11.94
N THR B 26 -13.43 -42.42 -11.04
CA THR B 26 -13.54 -42.14 -9.62
C THR B 26 -12.43 -41.17 -9.21
N CYS B 27 -12.82 -40.01 -8.70
CA CYS B 27 -11.89 -39.03 -8.16
C CYS B 27 -12.13 -38.93 -6.66
N LYS B 28 -11.18 -39.44 -5.88
CA LYS B 28 -11.36 -39.50 -4.43
C LYS B 28 -11.03 -38.15 -3.79
N LEU B 29 -11.82 -37.77 -2.81
CA LEU B 29 -11.69 -36.48 -2.14
C LEU B 29 -10.80 -36.59 -0.92
N THR B 30 -10.28 -35.44 -0.49
CA THR B 30 -9.34 -35.35 0.61
C THR B 30 -10.05 -35.05 1.92
N ALA B 31 -9.28 -35.08 3.01
CA ALA B 31 -9.80 -34.69 4.31
C ALA B 31 -10.06 -33.20 4.38
N PHE B 32 -9.32 -32.41 3.60
CA PHE B 32 -9.67 -31.01 3.40
C PHE B 32 -11.10 -30.88 2.93
N ASP B 33 -11.48 -31.71 1.94
CA ASP B 33 -12.86 -31.71 1.46
C ASP B 33 -13.82 -32.15 2.56
N GLN B 34 -13.36 -33.00 3.48
CA GLN B 34 -14.20 -33.43 4.59
C GLN B 34 -14.53 -32.28 5.51
N ILE B 35 -13.57 -31.38 5.74
CA ILE B 35 -13.80 -30.23 6.61
C ILE B 35 -14.21 -28.98 5.84
N ALA B 36 -14.41 -29.10 4.53
CA ALA B 36 -14.84 -27.96 3.73
C ALA B 36 -16.28 -27.57 4.02
N PRO B 37 -16.61 -26.29 3.96
CA PRO B 37 -17.99 -25.84 4.20
C PRO B 37 -18.93 -26.39 3.13
N PRO B 38 -20.05 -26.98 3.53
CA PRO B 38 -21.01 -27.57 2.58
C PRO B 38 -21.95 -26.54 1.97
N ASP B 39 -21.38 -25.59 1.24
CA ASP B 39 -22.13 -24.54 0.60
C ASP B 39 -21.82 -24.54 -0.89
N GLN B 40 -22.75 -24.02 -1.67
CA GLN B 40 -22.49 -23.72 -3.06
C GLN B 40 -22.47 -22.21 -3.19
N VAL B 41 -21.35 -21.66 -3.64
CA VAL B 41 -21.10 -20.23 -3.56
C VAL B 41 -20.85 -19.66 -4.95
N PRO B 42 -21.42 -18.50 -5.26
CA PRO B 42 -21.30 -17.93 -6.60
C PRO B 42 -20.36 -16.73 -6.69
N ILE B 43 -19.83 -16.52 -7.88
CA ILE B 43 -19.11 -15.31 -8.24
C ILE B 43 -19.67 -14.87 -9.60
N ILE B 44 -19.68 -13.57 -9.85
CA ILE B 44 -20.24 -13.05 -11.09
C ILE B 44 -19.27 -12.02 -11.68
N TYR B 45 -19.00 -12.19 -12.97
CA TYR B 45 -18.16 -11.29 -13.77
C TYR B 45 -19.02 -10.55 -14.78
N PHE B 46 -18.71 -9.28 -15.02
CA PHE B 46 -19.41 -8.48 -16.01
C PHE B 46 -18.44 -8.02 -17.08
N TYR B 47 -18.79 -8.26 -18.33
CA TYR B 47 -17.98 -7.89 -19.49
C TYR B 47 -18.79 -7.00 -20.40
N ASN B 48 -18.13 -6.00 -20.96
CA ASN B 48 -18.79 -5.15 -21.95
C ASN B 48 -19.05 -5.94 -23.22
N SER B 49 -19.82 -5.32 -24.11
CA SER B 49 -20.37 -6.00 -25.29
C SER B 49 -19.27 -6.67 -26.10
N SER B 50 -19.49 -7.97 -26.37
CA SER B 50 -18.61 -8.76 -27.22
C SER B 50 -18.42 -8.14 -28.60
N ASN B 51 -19.52 -7.98 -29.35
CA ASN B 51 -19.52 -7.64 -30.77
C ASN B 51 -18.90 -8.76 -31.62
N ILE B 52 -19.00 -10.00 -31.14
CA ILE B 52 -18.68 -11.21 -31.89
C ILE B 52 -19.97 -11.99 -32.06
N HIS B 53 -20.26 -12.52 -33.27
CA HIS B 53 -21.65 -12.92 -33.52
C HIS B 53 -21.93 -14.28 -32.94
N ASN B 54 -20.89 -15.12 -32.81
CA ASN B 54 -21.02 -16.49 -32.34
C ASN B 54 -20.47 -16.68 -30.94
N ILE B 55 -20.48 -15.62 -30.13
CA ILE B 55 -19.78 -15.65 -28.86
C ILE B 55 -20.39 -16.69 -27.92
N ARG B 56 -21.70 -16.87 -27.98
CA ARG B 56 -22.35 -17.86 -27.11
C ARG B 56 -21.86 -19.27 -27.43
N GLU B 57 -21.83 -19.60 -28.73
CA GLU B 57 -21.35 -20.92 -29.15
C GLU B 57 -19.89 -21.12 -28.79
N GLN B 58 -19.06 -20.09 -29.00
CA GLN B 58 -17.64 -20.24 -28.72
C GLN B 58 -17.39 -20.39 -27.22
N LEU B 59 -18.21 -19.74 -26.40
CA LEU B 59 -18.09 -19.91 -24.96
C LEU B 59 -18.50 -21.31 -24.52
N VAL B 60 -19.56 -21.85 -25.12
CA VAL B 60 -19.95 -23.24 -24.81
C VAL B 60 -18.83 -24.20 -25.21
N LYS B 61 -18.22 -23.98 -26.38
CA LYS B 61 -17.19 -24.89 -26.87
C LYS B 61 -15.94 -24.84 -26.00
N SER B 62 -15.48 -23.62 -25.66
CA SER B 62 -14.34 -23.49 -24.78
C SER B 62 -14.64 -24.05 -23.40
N LEU B 63 -15.88 -23.92 -22.92
CA LEU B 63 -16.25 -24.50 -21.64
C LEU B 63 -16.15 -26.02 -21.66
N SER B 64 -16.63 -26.64 -22.73
CA SER B 64 -16.51 -28.11 -22.86
C SER B 64 -15.04 -28.54 -22.90
N GLU B 65 -14.22 -27.84 -23.69
CA GLU B 65 -12.83 -28.24 -23.78
C GLU B 65 -12.09 -27.99 -22.47
N THR B 66 -12.50 -26.98 -21.69
CA THR B 66 -11.92 -26.78 -20.37
C THR B 66 -12.38 -27.87 -19.40
N LEU B 67 -13.64 -28.28 -19.51
CA LEU B 67 -14.15 -29.35 -18.66
C LEU B 67 -13.43 -30.66 -18.94
N THR B 68 -12.90 -30.83 -20.15
CA THR B 68 -12.04 -31.97 -20.43
C THR B 68 -10.88 -32.04 -19.43
N LYS B 69 -10.28 -30.89 -19.11
CA LYS B 69 -9.20 -30.89 -18.12
C LYS B 69 -9.73 -30.93 -16.69
N PHE B 70 -10.78 -30.15 -16.40
CA PHE B 70 -11.44 -30.18 -15.10
C PHE B 70 -12.59 -31.18 -15.07
N TYR B 71 -12.30 -32.42 -15.43
CA TYR B 71 -13.35 -33.42 -15.60
C TYR B 71 -14.18 -33.69 -14.35
N PRO B 72 -13.63 -33.73 -13.12
CA PRO B 72 -14.50 -33.98 -11.97
C PRO B 72 -15.60 -32.94 -11.80
N LEU B 73 -15.37 -31.71 -12.27
CA LEU B 73 -16.40 -30.68 -12.15
C LEU B 73 -17.65 -31.02 -12.97
N ALA B 74 -17.55 -31.92 -13.94
CA ALA B 74 -18.71 -32.34 -14.72
C ALA B 74 -19.37 -33.59 -14.15
N GLY B 75 -18.87 -34.11 -13.04
CA GLY B 75 -19.38 -35.31 -12.44
C GLY B 75 -20.42 -35.03 -11.38
N ARG B 76 -20.71 -36.06 -10.58
CA ARG B 76 -21.71 -35.97 -9.54
C ARG B 76 -21.14 -36.50 -8.24
N PHE B 77 -21.41 -35.78 -7.16
CA PHE B 77 -20.92 -36.19 -5.85
C PHE B 77 -21.73 -37.37 -5.36
N VAL B 78 -21.05 -38.41 -4.89
CA VAL B 78 -21.67 -39.53 -4.21
C VAL B 78 -21.09 -39.61 -2.82
N GLN B 79 -21.96 -39.59 -1.82
CA GLN B 79 -21.49 -39.45 -0.45
C GLN B 79 -21.03 -40.77 0.19
N ASP B 80 -21.75 -41.86 0.04
CA ASP B 80 -21.26 -43.08 0.67
C ASP B 80 -19.97 -43.46 -0.05
N GLY B 81 -18.83 -43.29 0.62
CA GLY B 81 -17.52 -43.47 0.04
C GLY B 81 -16.83 -42.17 -0.30
N PHE B 82 -17.56 -41.06 -0.18
CA PHE B 82 -17.05 -39.70 -0.32
C PHE B 82 -16.20 -39.49 -1.58
N TYR B 83 -16.86 -39.58 -2.74
CA TYR B 83 -16.09 -39.34 -3.96
C TYR B 83 -16.94 -38.63 -4.99
N VAL B 84 -16.32 -38.34 -6.13
CA VAL B 84 -16.97 -37.70 -7.26
C VAL B 84 -16.97 -38.71 -8.39
N ASP B 85 -18.16 -39.21 -8.73
CA ASP B 85 -18.33 -40.05 -9.91
C ASP B 85 -18.29 -39.15 -11.13
N CYS B 86 -17.18 -39.17 -11.86
CA CYS B 86 -17.03 -38.31 -13.03
C CYS B 86 -17.70 -39.00 -14.22
N ASN B 87 -19.03 -38.95 -14.19
CA ASN B 87 -19.87 -39.57 -15.19
C ASN B 87 -20.15 -38.66 -16.38
N ASP B 88 -19.54 -37.48 -16.41
CA ASP B 88 -19.71 -36.52 -17.50
C ASP B 88 -21.18 -36.12 -17.69
N GLU B 89 -21.95 -36.12 -16.61
CA GLU B 89 -23.30 -35.60 -16.67
C GLU B 89 -23.32 -34.13 -17.04
N GLY B 90 -22.22 -33.41 -16.83
CA GLY B 90 -22.06 -32.06 -17.31
C GLY B 90 -22.34 -31.03 -16.23
N VAL B 91 -22.02 -29.79 -16.57
CA VAL B 91 -22.32 -28.65 -15.71
C VAL B 91 -23.60 -28.01 -16.20
N LEU B 92 -24.36 -27.45 -15.26
CA LEU B 92 -25.60 -26.78 -15.61
C LEU B 92 -25.30 -25.44 -16.25
N TYR B 93 -25.86 -25.19 -17.43
CA TYR B 93 -25.54 -24.03 -18.24
C TYR B 93 -26.83 -23.34 -18.62
N VAL B 94 -27.07 -22.18 -18.03
CA VAL B 94 -28.26 -21.38 -18.26
C VAL B 94 -27.86 -20.14 -19.04
N GLU B 95 -28.56 -19.88 -20.15
CA GLU B 95 -28.42 -18.65 -20.90
C GLU B 95 -29.67 -17.82 -20.69
N ALA B 96 -29.47 -16.55 -20.34
CA ALA B 96 -30.55 -15.61 -20.08
C ALA B 96 -30.31 -14.34 -20.88
N GLU B 97 -31.37 -13.54 -21.02
CA GLU B 97 -31.29 -12.28 -21.73
C GLU B 97 -31.91 -11.17 -20.89
N VAL B 98 -31.25 -10.02 -20.86
CA VAL B 98 -31.71 -8.86 -20.10
C VAL B 98 -32.07 -7.76 -21.09
N ASN B 99 -33.15 -7.04 -20.80
CA ASN B 99 -33.73 -6.09 -21.74
C ASN B 99 -33.12 -4.70 -21.64
N ILE B 100 -32.00 -4.56 -20.94
CA ILE B 100 -31.33 -3.27 -20.80
C ILE B 100 -29.85 -3.46 -21.09
N PRO B 101 -29.16 -2.40 -21.51
CA PRO B 101 -27.71 -2.50 -21.69
C PRO B 101 -27.04 -2.77 -20.35
N LEU B 102 -25.87 -3.40 -20.41
CA LEU B 102 -25.13 -3.63 -19.19
C LEU B 102 -24.73 -2.30 -18.56
N ASN B 103 -24.55 -1.26 -19.37
CA ASN B 103 -24.14 0.03 -18.84
C ASN B 103 -25.27 0.80 -18.22
N GLU B 104 -26.44 0.20 -18.04
CA GLU B 104 -27.51 0.90 -17.34
C GLU B 104 -27.99 0.01 -16.19
N PHE B 105 -27.16 -0.94 -15.78
CA PHE B 105 -27.44 -1.91 -14.74
C PHE B 105 -26.39 -1.92 -13.65
N ILE B 106 -25.11 -1.90 -14.03
CA ILE B 106 -24.04 -2.02 -13.05
C ILE B 106 -24.19 -0.96 -11.97
N GLY B 107 -24.49 0.28 -12.38
CA GLY B 107 -24.68 1.34 -11.40
C GLY B 107 -25.80 1.03 -10.42
N GLN B 108 -26.91 0.50 -10.92
CA GLN B 108 -28.01 0.13 -10.04
C GLN B 108 -27.66 -1.07 -9.18
N ALA B 109 -26.98 -2.05 -9.75
CA ALA B 109 -26.65 -3.24 -9.00
C ALA B 109 -25.69 -2.93 -7.86
N LYS B 110 -24.81 -1.95 -8.05
CA LYS B 110 -23.87 -1.60 -6.98
C LYS B 110 -24.57 -0.99 -5.78
N LYS B 111 -25.71 -0.33 -6.01
CA LYS B 111 -26.49 0.23 -4.91
C LYS B 111 -27.46 -0.77 -4.30
N ASN B 112 -27.98 -1.70 -5.10
CA ASN B 112 -28.92 -2.72 -4.63
C ASN B 112 -28.47 -4.06 -5.17
N ILE B 113 -27.74 -4.81 -4.35
CA ILE B 113 -27.18 -6.09 -4.78
C ILE B 113 -28.27 -7.11 -5.10
N GLN B 114 -29.45 -6.95 -4.50
CA GLN B 114 -30.56 -7.88 -4.75
C GLN B 114 -30.88 -8.00 -6.23
N LEU B 115 -30.66 -6.94 -7.01
CA LEU B 115 -30.98 -6.98 -8.43
C LEU B 115 -30.13 -7.98 -9.21
N ILE B 116 -29.04 -8.47 -8.62
CA ILE B 116 -28.24 -9.52 -9.26
C ILE B 116 -28.84 -10.91 -9.07
N ASN B 117 -29.86 -11.04 -8.22
CA ASN B 117 -30.41 -12.36 -7.91
C ASN B 117 -30.95 -13.06 -9.16
N ASP B 118 -31.48 -12.29 -10.11
CA ASP B 118 -32.02 -12.85 -11.34
C ASP B 118 -30.94 -13.28 -12.33
N LEU B 119 -29.66 -13.03 -12.03
CA LEU B 119 -28.56 -13.47 -12.87
C LEU B 119 -27.90 -14.75 -12.34
N VAL B 120 -28.31 -15.23 -11.18
CA VAL B 120 -27.70 -16.39 -10.55
C VAL B 120 -28.64 -17.58 -10.75
N PRO B 121 -28.17 -18.70 -11.30
CA PRO B 121 -29.04 -19.85 -11.50
C PRO B 121 -29.18 -20.64 -10.21
N LYS B 122 -30.39 -21.14 -9.96
CA LYS B 122 -30.63 -22.08 -8.85
C LYS B 122 -31.67 -23.12 -9.27
N LYS B 123 -31.21 -24.12 -10.02
CA LYS B 123 -31.89 -25.39 -10.12
C LYS B 123 -31.18 -26.45 -9.30
N ASN B 124 -30.21 -26.03 -8.50
CA ASN B 124 -29.38 -26.94 -7.72
C ASN B 124 -30.17 -27.51 -6.55
N PHE B 125 -29.76 -28.71 -6.12
CA PHE B 125 -30.41 -29.46 -5.07
C PHE B 125 -29.50 -29.40 -3.85
N LYS B 126 -29.60 -30.41 -2.97
CA LYS B 126 -28.68 -30.42 -1.84
C LYS B 126 -27.30 -30.86 -2.29
N ASP B 127 -26.31 -30.17 -1.76
CA ASP B 127 -24.90 -30.34 -2.09
C ASP B 127 -24.33 -31.54 -1.34
N ILE B 128 -24.64 -31.65 -0.04
CA ILE B 128 -23.91 -32.60 0.80
C ILE B 128 -24.35 -34.04 0.59
N HIS B 129 -25.46 -34.29 -0.07
CA HIS B 129 -25.84 -35.68 -0.31
C HIS B 129 -26.08 -36.02 -1.76
N SER B 130 -26.73 -35.13 -2.51
CA SER B 130 -27.46 -35.54 -3.71
C SER B 130 -26.56 -35.84 -4.90
N TYR B 131 -26.79 -37.00 -5.51
CA TYR B 131 -26.14 -37.37 -6.75
C TYR B 131 -26.74 -36.64 -7.94
N GLU B 132 -27.96 -36.11 -7.80
CA GLU B 132 -28.60 -35.37 -8.88
C GLU B 132 -28.18 -33.89 -8.89
N ASN B 133 -27.58 -33.39 -7.81
CA ASN B 133 -27.15 -32.00 -7.76
C ASN B 133 -25.88 -31.82 -8.58
N PRO B 134 -25.87 -30.88 -9.53
CA PRO B 134 -24.64 -30.65 -10.30
C PRO B 134 -23.58 -29.93 -9.48
N ILE B 135 -22.33 -30.27 -9.78
CA ILE B 135 -21.21 -29.70 -9.03
C ILE B 135 -20.96 -28.26 -9.46
N VAL B 136 -21.17 -27.94 -10.73
CA VAL B 136 -20.97 -26.60 -11.26
C VAL B 136 -22.28 -26.11 -11.89
N GLY B 137 -22.64 -24.87 -11.57
CA GLY B 137 -23.75 -24.22 -12.23
C GLY B 137 -23.26 -22.92 -12.86
N LEU B 138 -23.70 -22.67 -14.09
CA LEU B 138 -23.29 -21.46 -14.81
C LEU B 138 -24.53 -20.78 -15.38
N GLN B 139 -24.58 -19.46 -15.24
CA GLN B 139 -25.58 -18.66 -15.94
C GLN B 139 -24.88 -17.56 -16.72
N MET B 140 -25.16 -17.49 -18.02
CA MET B 140 -24.68 -16.45 -18.90
C MET B 140 -25.85 -15.52 -19.21
N SER B 141 -25.78 -14.28 -18.72
CA SER B 141 -26.85 -13.30 -18.93
C SER B 141 -26.38 -12.28 -19.95
N TYR B 142 -26.99 -12.30 -21.12
CA TYR B 142 -26.60 -11.42 -22.22
C TYR B 142 -27.46 -10.17 -22.20
N PHE B 143 -26.82 -9.01 -22.03
CA PHE B 143 -27.53 -7.75 -21.95
C PHE B 143 -27.86 -7.23 -23.35
N LYS B 144 -28.63 -6.13 -23.39
CA LYS B 144 -29.36 -5.77 -24.61
C LYS B 144 -28.44 -5.56 -25.80
N CYS B 145 -27.23 -5.07 -25.57
CA CYS B 145 -26.32 -4.78 -26.69
C CYS B 145 -25.05 -5.60 -26.60
N GLY B 146 -25.12 -6.80 -26.01
CA GLY B 146 -24.06 -7.78 -26.08
C GLY B 146 -23.27 -7.95 -24.80
N GLY B 147 -23.48 -7.10 -23.80
CA GLY B 147 -22.78 -7.26 -22.55
C GLY B 147 -23.16 -8.55 -21.84
N LEU B 148 -22.21 -9.10 -21.10
CA LEU B 148 -22.33 -10.44 -20.57
C LEU B 148 -22.10 -10.46 -19.06
N ALA B 149 -22.95 -11.18 -18.35
CA ALA B 149 -22.74 -11.50 -16.94
C ALA B 149 -22.54 -13.00 -16.83
N ILE B 150 -21.34 -13.41 -16.45
CA ILE B 150 -20.99 -14.81 -16.23
C ILE B 150 -21.06 -15.07 -14.73
N CYS B 151 -22.02 -15.87 -14.29
CA CYS B 151 -22.13 -16.24 -12.89
C CYS B 151 -21.84 -17.72 -12.74
N MET B 152 -20.94 -18.05 -11.82
CA MET B 152 -20.50 -19.40 -11.56
C MET B 152 -20.83 -19.75 -10.12
N TYR B 153 -21.43 -20.93 -9.95
CA TYR B 153 -21.94 -21.43 -8.68
C TYR B 153 -21.22 -22.74 -8.43
N LEU B 154 -20.26 -22.73 -7.51
CA LEU B 154 -19.39 -23.88 -7.32
C LEU B 154 -19.52 -24.47 -5.92
N SER B 155 -19.46 -25.79 -5.85
CA SER B 155 -19.57 -26.52 -4.58
C SER B 155 -18.23 -26.50 -3.87
N HIS B 156 -18.24 -26.01 -2.62
CA HIS B 156 -16.99 -25.91 -1.87
C HIS B 156 -16.45 -27.26 -1.41
N VAL B 157 -17.23 -28.33 -1.50
CA VAL B 157 -16.73 -29.65 -1.10
C VAL B 157 -15.74 -30.19 -2.10
N VAL B 158 -15.89 -29.82 -3.38
CA VAL B 158 -15.01 -30.32 -4.43
C VAL B 158 -13.82 -29.39 -4.66
N ALA B 159 -14.03 -28.08 -4.56
CA ALA B 159 -13.04 -27.09 -4.95
C ALA B 159 -13.04 -25.94 -3.97
N ASP B 160 -11.89 -25.28 -3.85
CA ASP B 160 -11.77 -24.08 -3.05
C ASP B 160 -11.72 -22.86 -3.98
N GLY B 161 -11.50 -21.68 -3.39
CA GLY B 161 -11.48 -20.47 -4.19
C GLY B 161 -10.43 -20.49 -5.27
N TYR B 162 -9.25 -21.02 -4.95
CA TYR B 162 -8.19 -21.08 -5.96
C TYR B 162 -8.59 -21.99 -7.12
N THR B 163 -9.23 -23.12 -6.83
CA THR B 163 -9.61 -24.03 -7.91
C THR B 163 -10.66 -23.41 -8.80
N ALA B 164 -11.63 -22.69 -8.21
CA ALA B 164 -12.59 -21.95 -9.01
C ALA B 164 -11.90 -20.93 -9.89
N ALA B 165 -10.94 -20.19 -9.33
CA ALA B 165 -10.21 -19.19 -10.12
C ALA B 165 -9.40 -19.81 -11.24
N ALA B 166 -8.79 -20.97 -10.98
CA ALA B 166 -8.00 -21.65 -12.00
C ALA B 166 -8.90 -22.16 -13.11
N PHE B 167 -10.06 -22.72 -12.76
CA PHE B 167 -11.04 -23.13 -13.76
C PHE B 167 -11.46 -21.95 -14.62
N THR B 168 -11.78 -20.82 -13.98
CA THR B 168 -12.16 -19.61 -14.71
C THR B 168 -11.05 -19.15 -15.65
N LYS B 169 -9.80 -19.14 -15.17
CA LYS B 169 -8.69 -18.66 -16.00
C LYS B 169 -8.46 -19.60 -17.18
N GLU B 170 -8.55 -20.91 -16.97
CA GLU B 170 -8.40 -21.84 -18.08
C GLU B 170 -9.50 -21.65 -19.11
N TRP B 171 -10.75 -21.48 -18.65
CA TRP B 171 -11.86 -21.25 -19.56
C TRP B 171 -11.63 -19.98 -20.37
N SER B 172 -11.24 -18.90 -19.70
CA SER B 172 -11.01 -17.62 -20.38
C SER B 172 -9.86 -17.72 -21.36
N ASN B 173 -8.80 -18.44 -21.01
CA ASN B 173 -7.68 -18.59 -21.94
C ASN B 173 -8.08 -19.39 -23.17
N THR B 174 -8.86 -20.46 -22.98
CA THR B 174 -9.32 -21.24 -24.11
C THR B 174 -10.21 -20.39 -25.03
N THR B 175 -11.13 -19.62 -24.45
CA THR B 175 -11.96 -18.75 -25.26
C THR B 175 -11.12 -17.69 -25.98
N ASN B 176 -10.12 -17.13 -25.30
CA ASN B 176 -9.26 -16.12 -25.90
C ASN B 176 -8.51 -16.69 -27.09
N GLY B 177 -8.02 -17.92 -26.96
CA GLY B 177 -7.35 -18.56 -28.08
C GLY B 177 -8.31 -18.86 -29.23
N ILE B 178 -9.52 -19.28 -28.91
CA ILE B 178 -10.49 -19.55 -29.98
C ILE B 178 -10.90 -18.26 -30.69
N ILE B 179 -10.94 -17.13 -29.96
CA ILE B 179 -11.42 -15.89 -30.53
C ILE B 179 -10.33 -15.18 -31.33
N ASN B 180 -9.15 -15.01 -30.75
CA ASN B 180 -8.13 -14.13 -31.29
C ASN B 180 -7.06 -14.91 -32.05
N GLY B 181 -7.36 -16.12 -32.45
CA GLY B 181 -6.35 -16.94 -33.09
C GLY B 181 -5.75 -17.88 -32.08
N ASP B 182 -5.32 -19.01 -32.60
CA ASP B 182 -4.94 -20.22 -31.84
C ASP B 182 -3.93 -20.10 -30.70
N GLN B 183 -2.69 -19.73 -30.99
CA GLN B 183 -1.52 -19.85 -30.08
C GLN B 183 -1.45 -18.89 -28.87
N LEU B 184 -2.30 -17.90 -28.74
CA LEU B 184 -2.12 -17.00 -27.56
C LEU B 184 -2.42 -17.77 -26.27
N VAL B 185 -2.70 -19.10 -26.37
CA VAL B 185 -3.03 -20.06 -25.34
C VAL B 185 -1.82 -20.94 -25.08
N SER B 186 -1.70 -21.48 -23.85
CA SER B 186 -0.50 -22.28 -23.55
C SER B 186 -0.67 -23.60 -22.76
N SER B 187 0.46 -24.17 -22.32
CA SER B 187 0.55 -25.54 -21.81
C SER B 187 0.33 -25.61 -20.31
N SER B 188 -0.89 -25.89 -19.88
CA SER B 188 -1.05 -26.09 -18.45
C SER B 188 -1.62 -27.45 -18.12
N PRO B 189 -1.00 -28.20 -17.20
CA PRO B 189 -1.61 -29.42 -16.67
C PRO B 189 -2.54 -29.12 -15.51
N ILE B 190 -3.44 -30.06 -15.25
CA ILE B 190 -4.33 -30.00 -14.08
C ILE B 190 -4.27 -31.36 -13.40
N ASN B 191 -4.45 -31.39 -12.07
CA ASN B 191 -4.04 -32.55 -11.28
C ASN B 191 -5.20 -33.27 -10.59
N PHE B 192 -5.79 -32.69 -9.54
CA PHE B 192 -6.93 -33.29 -8.83
C PHE B 192 -6.57 -34.61 -8.12
N GLU B 193 -5.32 -34.78 -7.68
CA GLU B 193 -4.88 -36.02 -7.07
C GLU B 193 -4.28 -35.81 -5.69
N LEU B 194 -4.89 -34.91 -4.88
CA LEU B 194 -4.38 -34.68 -3.54
C LEU B 194 -4.74 -35.81 -2.59
N ALA B 195 -5.75 -36.62 -2.92
CA ALA B 195 -6.12 -37.75 -2.05
C ALA B 195 -5.00 -38.76 -1.92
N THR B 196 -4.00 -38.71 -2.81
CA THR B 196 -2.82 -39.56 -2.65
C THR B 196 -2.11 -39.24 -1.34
N LEU B 197 -2.01 -37.97 -0.98
CA LEU B 197 -1.22 -37.52 0.16
C LEU B 197 -2.06 -37.33 1.43
N VAL B 198 -3.27 -36.82 1.32
CA VAL B 198 -4.16 -36.78 2.48
C VAL B 198 -5.49 -37.42 2.10
N PRO B 199 -5.66 -38.72 2.32
CA PRO B 199 -6.93 -39.36 2.00
C PRO B 199 -8.03 -38.96 2.96
N ALA B 200 -9.27 -39.05 2.47
CA ALA B 200 -10.41 -38.92 3.36
C ALA B 200 -10.35 -40.02 4.40
N ARG B 201 -10.76 -39.71 5.62
CA ARG B 201 -10.63 -40.64 6.73
C ARG B 201 -11.74 -40.38 7.73
N ASP B 202 -11.84 -41.27 8.72
CA ASP B 202 -12.71 -41.04 9.86
C ASP B 202 -12.03 -40.03 10.78
N LEU B 203 -12.59 -38.85 10.89
CA LEU B 203 -12.03 -37.80 11.72
C LEU B 203 -12.78 -37.63 13.03
N SER B 204 -13.43 -38.70 13.49
CA SER B 204 -14.12 -38.65 14.77
C SER B 204 -13.15 -38.39 15.92
N THR B 205 -11.87 -38.68 15.71
CA THR B 205 -10.82 -38.46 16.70
C THR B 205 -10.09 -37.14 16.52
N VAL B 206 -10.38 -36.38 15.47
CA VAL B 206 -9.52 -35.27 15.06
C VAL B 206 -10.19 -33.91 15.24
N ILE B 207 -11.41 -33.79 14.78
CA ILE B 207 -12.06 -32.47 14.83
C ILE B 207 -13.25 -32.64 15.73
N LYS B 208 -13.41 -31.75 16.68
CA LYS B 208 -14.58 -31.88 17.57
C LYS B 208 -15.49 -30.68 17.38
N PRO B 209 -16.72 -30.85 16.84
CA PRO B 209 -17.75 -29.81 16.67
C PRO B 209 -18.69 -29.68 17.88
N ALA B 210 -19.81 -28.91 17.78
CA ALA B 210 -20.89 -28.70 18.80
C ALA B 210 -21.91 -27.70 18.25
N VAL B 211 -22.69 -27.08 19.18
CA VAL B 211 -23.59 -25.92 19.09
C VAL B 211 -24.24 -25.67 20.46
N MET B 212 -24.91 -24.53 20.64
CA MET B 212 -25.74 -24.24 21.81
C MET B 212 -26.77 -23.19 21.42
N PRO B 213 -27.86 -23.06 22.20
CA PRO B 213 -29.09 -22.38 21.68
C PRO B 213 -28.94 -20.89 21.39
N PRO B 214 -28.36 -20.07 22.29
CA PRO B 214 -28.42 -18.60 22.06
C PRO B 214 -27.87 -18.13 20.72
N SER B 215 -26.90 -18.83 20.14
CA SER B 215 -26.45 -18.49 18.79
C SER B 215 -27.52 -18.76 17.74
N LYS B 216 -28.47 -19.65 18.02
CA LYS B 216 -29.45 -20.15 17.05
C LYS B 216 -30.78 -19.40 17.07
N ILE B 217 -30.85 -18.28 16.34
CA ILE B 217 -32.12 -17.71 15.88
C ILE B 217 -32.41 -18.27 14.49
N LYS B 218 -33.66 -18.73 14.26
CA LYS B 218 -33.91 -19.51 13.05
C LYS B 218 -34.24 -18.64 11.84
N GLU B 219 -35.02 -17.57 12.03
CA GLU B 219 -35.36 -16.68 10.93
C GLU B 219 -34.46 -15.46 11.04
N THR B 220 -33.23 -15.68 10.64
CA THR B 220 -32.38 -14.51 10.47
C THR B 220 -32.57 -14.30 8.98
N LYS B 221 -33.25 -13.25 8.57
CA LYS B 221 -33.32 -13.06 7.11
C LYS B 221 -32.04 -12.33 6.83
N VAL B 222 -31.07 -13.00 6.26
CA VAL B 222 -29.79 -12.29 6.03
C VAL B 222 -29.89 -11.42 4.80
N VAL B 223 -29.38 -10.20 4.87
CA VAL B 223 -29.29 -9.33 3.72
C VAL B 223 -27.84 -8.90 3.57
N THR B 224 -27.50 -8.43 2.37
CA THR B 224 -26.15 -8.03 2.02
C THR B 224 -26.16 -6.58 1.57
N ARG B 225 -25.12 -5.85 1.98
CA ARG B 225 -24.89 -4.49 1.56
C ARG B 225 -23.45 -4.34 1.09
N ARG B 226 -23.24 -3.42 0.17
CA ARG B 226 -21.94 -3.17 -0.43
C ARG B 226 -21.36 -1.88 0.12
N PHE B 227 -20.13 -1.96 0.61
CA PHE B 227 -19.39 -0.82 1.11
C PHE B 227 -18.13 -0.65 0.27
N LEU B 228 -17.88 0.57 -0.20
CA LEU B 228 -16.70 0.84 -1.00
C LEU B 228 -15.71 1.64 -0.16
N PHE B 229 -14.58 1.03 0.18
CA PHE B 229 -13.51 1.71 0.89
C PHE B 229 -12.57 2.26 -0.18
N ASP B 230 -12.70 3.55 -0.45
CA ASP B 230 -11.93 4.19 -1.51
C ASP B 230 -10.47 4.34 -1.07
N GLU B 231 -9.63 4.73 -2.03
CA GLU B 231 -8.20 4.83 -1.78
C GLU B 231 -7.91 5.87 -0.70
N ASN B 232 -8.61 7.01 -0.76
CA ASN B 232 -8.34 8.07 0.20
C ASN B 232 -8.79 7.69 1.61
N ALA B 233 -9.95 7.02 1.73
CA ALA B 233 -10.38 6.57 3.04
C ALA B 233 -9.42 5.54 3.62
N ILE B 234 -8.92 4.63 2.79
CA ILE B 234 -7.96 3.63 3.24
C ILE B 234 -6.68 4.31 3.72
N SER B 235 -6.24 5.34 2.98
CA SER B 235 -5.06 6.09 3.37
C SER B 235 -5.29 6.84 4.69
N ALA B 236 -6.47 7.42 4.86
CA ALA B 236 -6.80 8.12 6.09
C ALA B 236 -6.76 7.17 7.28
N PHE B 237 -7.34 5.97 7.13
CA PHE B 237 -7.27 4.98 8.20
C PHE B 237 -5.83 4.57 8.49
N LYS B 238 -5.04 4.35 7.45
CA LYS B 238 -3.66 3.92 7.63
C LYS B 238 -2.88 4.93 8.42
N ASP B 239 -3.03 6.22 8.09
CA ASP B 239 -2.33 7.26 8.83
C ASP B 239 -2.90 7.42 10.23
N HIS B 240 -4.21 7.21 10.40
CA HIS B 240 -4.81 7.24 11.73
C HIS B 240 -4.20 6.18 12.64
N VAL B 241 -3.73 5.07 12.07
CA VAL B 241 -3.09 4.06 12.91
C VAL B 241 -1.63 4.42 13.18
N ILE B 242 -0.82 4.55 12.12
CA ILE B 242 0.60 4.87 12.22
C ILE B 242 1.03 5.60 10.96
N LYS B 243 1.86 6.63 11.10
CA LYS B 243 2.30 7.37 9.91
C LYS B 243 3.81 7.54 9.75
N SER B 244 4.59 7.59 10.82
CA SER B 244 6.04 7.46 10.71
C SER B 244 6.36 5.98 10.56
N GLU B 245 7.02 5.60 9.46
CA GLU B 245 6.96 4.18 9.10
C GLU B 245 7.73 3.35 10.12
N SER B 246 6.99 2.57 10.90
CA SER B 246 7.51 1.58 11.82
C SER B 246 7.71 0.22 11.15
N VAL B 247 7.49 0.13 9.84
CA VAL B 247 7.09 -1.07 9.08
C VAL B 247 5.93 -1.72 9.82
N ASN B 248 5.12 -0.87 10.46
CA ASN B 248 3.91 -1.24 11.14
C ASN B 248 2.72 -0.54 10.50
N ARG B 249 2.95 0.23 9.44
CA ARG B 249 1.85 0.90 8.74
C ARG B 249 1.02 -0.16 8.05
N PRO B 250 -0.24 -0.35 8.45
CA PRO B 250 -1.03 -1.47 7.94
C PRO B 250 -1.32 -1.39 6.45
N THR B 251 -1.54 -2.56 5.86
CA THR B 251 -1.89 -2.70 4.46
C THR B 251 -3.37 -2.40 4.28
N ARG B 252 -3.80 -2.35 3.01
CA ARG B 252 -5.21 -2.08 2.72
C ARG B 252 -6.12 -3.12 3.36
N VAL B 253 -5.81 -4.40 3.13
CA VAL B 253 -6.69 -5.45 3.64
C VAL B 253 -6.72 -5.43 5.16
N GLU B 254 -5.56 -5.26 5.79
CA GLU B 254 -5.51 -5.18 7.25
C GLU B 254 -6.44 -4.09 7.77
N VAL B 255 -6.37 -2.91 7.16
CA VAL B 255 -7.14 -1.78 7.64
C VAL B 255 -8.64 -1.99 7.41
N VAL B 256 -9.01 -2.51 6.24
CA VAL B 256 -10.43 -2.68 5.94
C VAL B 256 -11.05 -3.75 6.83
N THR B 257 -10.36 -4.89 7.01
CA THR B 257 -10.95 -5.89 7.89
C THR B 257 -10.95 -5.41 9.33
N SER B 258 -9.96 -4.62 9.74
CA SER B 258 -9.96 -4.12 11.12
C SER B 258 -11.13 -3.19 11.36
N VAL B 259 -11.40 -2.27 10.43
CA VAL B 259 -12.53 -1.36 10.56
C VAL B 259 -13.85 -2.14 10.59
N LEU B 260 -14.03 -3.05 9.63
CA LEU B 260 -15.25 -3.85 9.59
C LEU B 260 -15.40 -4.70 10.85
N TRP B 261 -14.28 -5.21 11.37
CA TRP B 261 -14.32 -6.07 12.55
C TRP B 261 -14.68 -5.28 13.79
N LYS B 262 -14.14 -4.07 13.93
CA LYS B 262 -14.53 -3.22 15.05
C LYS B 262 -16.02 -2.89 14.99
N ALA B 263 -16.52 -2.58 13.78
CA ALA B 263 -17.96 -2.31 13.66
C ALA B 263 -18.78 -3.54 14.01
N LEU B 264 -18.35 -4.72 13.55
CA LEU B 264 -19.04 -5.96 13.88
C LEU B 264 -19.03 -6.22 15.38
N ILE B 265 -17.90 -5.95 16.04
CA ILE B 265 -17.78 -6.17 17.48
C ILE B 265 -18.72 -5.23 18.23
N ASN B 266 -18.81 -3.98 17.78
CA ASN B 266 -19.69 -3.02 18.44
C ASN B 266 -21.17 -3.34 18.21
N GLN B 267 -21.50 -3.94 17.07
CA GLN B 267 -22.88 -4.37 16.83
C GLN B 267 -23.22 -5.69 17.50
N SER B 268 -22.19 -6.47 17.87
CA SER B 268 -22.36 -7.91 18.12
C SER B 268 -23.33 -8.20 19.26
N LYS B 269 -23.22 -7.47 20.38
CA LYS B 269 -23.88 -7.71 21.67
C LYS B 269 -23.18 -8.81 22.47
N LEU B 270 -22.07 -9.36 21.98
CA LEU B 270 -21.21 -10.27 22.72
C LEU B 270 -19.86 -9.62 22.99
N PRO B 271 -19.20 -9.95 24.10
CA PRO B 271 -17.96 -9.24 24.46
C PRO B 271 -16.73 -9.69 23.69
N SER B 272 -16.73 -10.93 23.17
CA SER B 272 -15.57 -11.47 22.48
C SER B 272 -15.93 -11.78 21.04
N SER B 273 -14.92 -11.76 20.17
CA SER B 273 -15.14 -12.00 18.76
C SER B 273 -14.00 -12.86 18.23
N THR B 274 -14.29 -13.65 17.21
CA THR B 274 -13.26 -14.42 16.50
C THR B 274 -13.48 -14.23 15.02
N LEU B 275 -12.47 -13.68 14.33
CA LEU B 275 -12.55 -13.46 12.90
C LEU B 275 -11.59 -14.42 12.23
N TYR B 276 -12.10 -15.24 11.32
CA TYR B 276 -11.26 -16.18 10.60
C TYR B 276 -11.43 -15.99 9.11
N PHE B 277 -10.30 -16.04 8.41
CA PHE B 277 -10.33 -16.04 6.95
C PHE B 277 -9.66 -17.31 6.45
N HIS B 278 -9.41 -17.36 5.15
CA HIS B 278 -8.79 -18.52 4.51
C HIS B 278 -7.37 -18.17 4.05
N LEU B 279 -6.46 -19.12 4.22
CA LEU B 279 -5.10 -19.01 3.71
C LEU B 279 -4.83 -20.21 2.81
N ASN B 280 -4.50 -19.94 1.55
CA ASN B 280 -4.29 -20.97 0.55
C ASN B 280 -2.91 -21.59 0.77
N PHE B 281 -2.87 -22.91 0.97
CA PHE B 281 -1.60 -23.59 1.24
C PHE B 281 -0.66 -23.62 0.04
N ARG B 282 -1.10 -23.19 -1.15
CA ARG B 282 -0.39 -23.55 -2.37
C ARG B 282 0.98 -22.89 -2.46
N GLY B 283 1.03 -21.57 -2.41
CA GLY B 283 2.32 -20.93 -2.57
C GLY B 283 3.17 -20.81 -1.32
N LYS B 284 2.78 -21.43 -0.20
CA LYS B 284 3.38 -21.16 1.09
C LYS B 284 3.97 -22.39 1.76
N THR B 285 4.29 -23.43 0.99
CA THR B 285 4.90 -24.63 1.56
C THR B 285 5.97 -25.13 0.59
N GLY B 286 6.85 -25.99 1.10
CA GLY B 286 7.97 -26.49 0.34
C GLY B 286 7.92 -27.96 -0.04
N ILE B 287 6.80 -28.64 0.18
CA ILE B 287 6.71 -30.07 -0.13
C ILE B 287 6.62 -30.26 -1.65
N ASN B 288 7.13 -31.40 -2.13
CA ASN B 288 7.10 -31.71 -3.55
C ASN B 288 6.80 -33.18 -3.86
N THR B 289 6.15 -33.89 -2.95
CA THR B 289 5.73 -35.26 -3.19
C THR B 289 4.56 -35.22 -4.19
N PRO B 290 4.29 -36.32 -4.91
CA PRO B 290 3.96 -36.23 -6.37
C PRO B 290 3.07 -35.05 -6.74
N PRO B 291 1.82 -34.98 -6.28
CA PRO B 291 0.92 -33.96 -6.84
C PRO B 291 1.34 -32.53 -6.52
N LEU B 292 2.21 -32.33 -5.53
CA LEU B 292 2.61 -31.00 -5.12
C LEU B 292 3.97 -30.59 -5.68
N ASP B 293 4.43 -31.25 -6.75
CA ASP B 293 5.56 -30.70 -7.50
C ASP B 293 5.17 -29.37 -8.14
N ASN B 294 3.94 -29.27 -8.63
CA ASN B 294 3.38 -28.07 -9.25
C ASN B 294 2.15 -27.71 -8.42
N HIS B 295 2.35 -26.80 -7.44
CA HIS B 295 1.28 -26.44 -6.51
C HIS B 295 0.10 -25.81 -7.23
N PHE B 296 0.38 -24.94 -8.20
CA PHE B 296 -0.67 -24.18 -8.86
C PHE B 296 -1.42 -24.98 -9.90
N SER B 297 -0.97 -26.19 -10.20
CA SER B 297 -1.71 -27.13 -11.03
C SER B 297 -2.64 -28.00 -10.20
N LEU B 298 -2.46 -28.01 -8.87
CA LEU B 298 -3.20 -28.89 -7.99
C LEU B 298 -4.56 -28.28 -7.71
N CYS B 299 -5.60 -29.10 -7.80
CA CYS B 299 -6.97 -28.64 -7.64
C CYS B 299 -7.64 -29.36 -6.47
N GLY B 300 -8.73 -28.77 -5.99
CA GLY B 300 -9.39 -29.22 -4.78
C GLY B 300 -9.13 -28.27 -3.62
N ASN B 301 -9.73 -28.61 -2.48
CA ASN B 301 -9.55 -27.81 -1.28
C ASN B 301 -8.13 -28.02 -0.74
N PHE B 302 -7.38 -26.92 -0.61
CA PHE B 302 -6.01 -26.97 -0.10
C PHE B 302 -5.74 -25.64 0.61
N TYR B 303 -6.35 -25.45 1.77
CA TYR B 303 -6.25 -24.22 2.53
C TYR B 303 -6.37 -24.53 4.01
N THR B 304 -6.16 -23.49 4.83
CA THR B 304 -6.50 -23.56 6.24
C THR B 304 -7.27 -22.32 6.67
N GLN B 305 -8.16 -22.51 7.63
CA GLN B 305 -8.76 -21.37 8.29
C GLN B 305 -7.73 -20.71 9.20
N VAL B 306 -7.77 -19.40 9.27
CA VAL B 306 -6.92 -18.63 10.16
C VAL B 306 -7.82 -17.78 11.06
N PRO B 307 -8.05 -18.24 12.30
CA PRO B 307 -8.89 -17.47 13.24
C PRO B 307 -8.09 -16.65 14.24
N THR B 308 -8.28 -15.34 14.22
CA THR B 308 -7.72 -14.43 15.21
C THR B 308 -8.81 -14.14 16.24
N ARG B 309 -8.48 -14.35 17.52
CA ARG B 309 -9.44 -14.28 18.62
C ARG B 309 -9.24 -13.00 19.42
N PHE B 310 -10.16 -12.05 19.28
CA PHE B 310 -10.24 -10.93 20.20
C PHE B 310 -11.05 -11.37 21.42
N ARG B 311 -10.43 -11.31 22.60
CA ARG B 311 -11.09 -11.72 23.84
C ARG B 311 -11.34 -10.46 24.66
N GLY B 312 -12.62 -10.10 24.79
CA GLY B 312 -12.99 -8.97 25.61
C GLY B 312 -13.06 -9.36 27.08
N GLY B 313 -12.09 -8.94 27.86
CA GLY B 313 -12.00 -9.29 29.26
C GLY B 313 -12.62 -8.20 30.10
N ASN B 314 -11.79 -7.26 30.59
CA ASN B 314 -12.29 -6.13 31.35
C ASN B 314 -11.93 -4.79 30.69
N GLN B 315 -11.76 -4.79 29.37
CA GLN B 315 -11.73 -3.55 28.62
C GLN B 315 -13.09 -3.34 28.00
N THR B 316 -13.50 -2.07 27.87
CA THR B 316 -14.79 -1.79 27.27
C THR B 316 -14.66 -1.76 25.75
N LYS B 317 -15.78 -1.99 25.08
CA LYS B 317 -15.81 -1.83 23.63
C LYS B 317 -15.45 -0.42 23.19
N GLN B 318 -15.64 0.58 24.05
CA GLN B 318 -15.33 1.97 23.65
C GLN B 318 -13.84 2.21 23.55
N ASP B 319 -13.04 1.54 24.39
CA ASP B 319 -11.60 1.71 24.32
C ASP B 319 -10.96 0.82 23.26
N LEU B 320 -11.77 0.07 22.51
CA LEU B 320 -11.24 -0.74 21.42
C LEU B 320 -10.71 0.17 20.33
N GLU B 321 -9.53 -0.14 19.82
CA GLU B 321 -8.89 0.66 18.79
C GLU B 321 -8.47 -0.23 17.63
N LEU B 322 -8.39 0.40 16.45
CA LEU B 322 -8.08 -0.32 15.22
C LEU B 322 -6.74 -1.05 15.31
N HIS B 323 -5.70 -0.37 15.80
CA HIS B 323 -4.35 -0.92 15.72
C HIS B 323 -4.18 -2.20 16.52
N GLU B 324 -4.95 -2.36 17.61
CA GLU B 324 -4.84 -3.61 18.37
C GLU B 324 -5.45 -4.77 17.59
N LEU B 325 -6.59 -4.55 16.93
CA LEU B 325 -7.14 -5.57 16.03
C LEU B 325 -6.17 -5.88 14.89
N VAL B 326 -5.54 -4.84 14.33
CA VAL B 326 -4.56 -5.04 13.27
C VAL B 326 -3.42 -5.90 13.77
N LYS B 327 -2.98 -5.65 15.01
CA LYS B 327 -1.85 -6.36 15.58
C LYS B 327 -2.21 -7.81 15.88
N LEU B 328 -3.47 -8.07 16.26
CA LEU B 328 -3.92 -9.45 16.45
C LEU B 328 -3.95 -10.19 15.11
N LEU B 329 -4.52 -9.56 14.08
CA LEU B 329 -4.56 -10.17 12.76
C LEU B 329 -3.16 -10.48 12.26
N ARG B 330 -2.24 -9.53 12.42
CA ARG B 330 -0.88 -9.72 11.94
C ARG B 330 -0.16 -10.80 12.71
N GLY B 331 -0.34 -10.85 14.03
CA GLY B 331 0.30 -11.89 14.82
C GLY B 331 -0.17 -13.28 14.43
N LYS B 332 -1.49 -13.43 14.29
CA LYS B 332 -2.03 -14.74 13.91
C LYS B 332 -1.58 -15.15 12.52
N LEU B 333 -1.63 -14.22 11.56
CA LEU B 333 -1.19 -14.54 10.21
C LEU B 333 0.30 -14.90 10.18
N ARG B 334 1.12 -14.14 10.90
CA ARG B 334 2.55 -14.45 10.95
C ARG B 334 2.79 -15.83 11.54
N ASN B 335 2.11 -16.17 12.63
CA ASN B 335 2.29 -17.49 13.23
C ASN B 335 1.87 -18.59 12.28
N THR B 336 0.76 -18.40 11.57
CA THR B 336 0.31 -19.41 10.61
C THR B 336 1.30 -19.55 9.46
N LEU B 337 1.87 -18.44 8.98
CA LEU B 337 2.86 -18.52 7.91
C LEU B 337 4.11 -19.25 8.37
N LYS B 338 4.58 -18.95 9.58
CA LYS B 338 5.73 -19.68 10.12
C LYS B 338 5.42 -21.17 10.25
N ASN B 339 4.20 -21.50 10.70
CA ASN B 339 3.80 -22.90 10.78
C ASN B 339 3.86 -23.55 9.40
N CYS B 340 3.35 -22.86 8.37
CA CYS B 340 3.43 -23.40 7.03
C CYS B 340 4.89 -23.57 6.60
N SER B 341 5.74 -22.66 7.04
CA SER B 341 7.19 -22.78 6.82
C SER B 341 7.73 -24.10 7.34
N GLU B 342 7.36 -24.49 8.56
CA GLU B 342 8.05 -25.58 9.26
C GLU B 342 7.39 -26.97 9.17
N ILE B 343 6.37 -27.16 8.34
CA ILE B 343 5.72 -28.47 8.33
C ILE B 343 6.33 -29.32 7.22
N ASN B 344 6.40 -30.63 7.46
CA ASN B 344 7.13 -31.55 6.59
C ASN B 344 6.26 -32.15 5.49
N THR B 345 5.03 -32.53 5.82
CA THR B 345 4.16 -33.25 4.91
C THR B 345 2.84 -32.52 4.73
N ALA B 346 2.14 -32.85 3.64
CA ALA B 346 0.82 -32.30 3.40
C ALA B 346 -0.17 -32.76 4.47
N ASP B 347 0.03 -33.96 5.03
CA ASP B 347 -0.80 -34.39 6.15
C ASP B 347 -0.62 -33.48 7.35
N GLY B 348 0.59 -32.97 7.56
CA GLY B 348 0.79 -31.98 8.61
C GLY B 348 0.04 -30.70 8.33
N LEU B 349 -0.12 -30.34 7.06
CA LEU B 349 -0.88 -29.13 6.74
C LEU B 349 -2.37 -29.35 6.92
N PHE B 350 -2.86 -30.57 6.66
CA PHE B 350 -4.23 -30.87 7.04
C PHE B 350 -4.39 -30.84 8.56
N LEU B 351 -3.39 -31.31 9.29
CA LEU B 351 -3.48 -31.29 10.75
C LEU B 351 -3.51 -29.86 11.28
N GLU B 352 -2.76 -28.96 10.65
CA GLU B 352 -2.82 -27.55 11.03
C GLU B 352 -4.19 -26.96 10.73
N ALA B 353 -4.74 -27.27 9.55
CA ALA B 353 -6.10 -26.85 9.23
C ALA B 353 -7.09 -27.38 10.26
N ALA B 354 -6.88 -28.62 10.71
CA ALA B 354 -7.79 -29.20 11.70
C ALA B 354 -7.66 -28.52 13.06
N SER B 355 -6.43 -28.16 13.44
CA SER B 355 -6.23 -27.37 14.64
C SER B 355 -7.02 -26.07 14.59
N ASN B 356 -6.91 -25.33 13.48
CA ASN B 356 -7.64 -24.06 13.38
C ASN B 356 -9.15 -24.30 13.32
N PHE B 357 -9.58 -25.37 12.65
CA PHE B 357 -10.99 -25.72 12.61
C PHE B 357 -11.52 -26.00 14.02
N ASN B 358 -10.72 -26.71 14.82
CA ASN B 358 -11.11 -27.01 16.20
C ASN B 358 -11.22 -25.73 17.02
N ILE B 359 -10.27 -24.81 16.85
CA ILE B 359 -10.37 -23.53 17.56
C ILE B 359 -11.66 -22.82 17.18
N ILE B 360 -11.98 -22.81 15.88
CA ILE B 360 -13.20 -22.12 15.44
C ILE B 360 -14.44 -22.78 16.04
N GLN B 361 -14.45 -24.11 16.10
CA GLN B 361 -15.62 -24.78 16.67
C GLN B 361 -15.78 -24.48 18.16
N GLU B 362 -14.66 -24.51 18.90
CA GLU B 362 -14.69 -24.14 20.30
C GLU B 362 -15.26 -22.73 20.48
N ASP B 363 -14.87 -21.80 19.60
CA ASP B 363 -15.43 -20.46 19.68
C ASP B 363 -16.90 -20.42 19.28
N LEU B 364 -17.31 -21.30 18.37
CA LEU B 364 -18.70 -21.36 17.96
C LEU B 364 -19.61 -21.78 19.11
N GLU B 365 -19.14 -22.72 19.95
CA GLU B 365 -19.99 -23.27 21.00
C GLU B 365 -19.97 -22.46 22.29
N ASP B 366 -19.27 -21.32 22.31
CA ASP B 366 -19.23 -20.46 23.48
C ASP B 366 -20.33 -19.41 23.36
N GLU B 367 -21.08 -19.21 24.45
CA GLU B 367 -22.09 -18.15 24.47
C GLU B 367 -21.50 -16.76 24.51
N GLN B 368 -20.17 -16.65 24.55
CA GLN B 368 -19.51 -15.38 24.77
C GLN B 368 -18.77 -14.85 23.55
N VAL B 369 -18.68 -15.63 22.47
CA VAL B 369 -17.84 -15.29 21.33
C VAL B 369 -18.70 -15.22 20.07
N ASP B 370 -18.56 -14.13 19.33
CA ASP B 370 -19.22 -13.94 18.05
C ASP B 370 -18.24 -14.31 16.95
N VAL B 371 -18.54 -15.38 16.22
CA VAL B 371 -17.68 -15.87 15.14
C VAL B 371 -18.11 -15.26 13.83
N ARG B 372 -17.16 -14.62 13.13
CA ARG B 372 -17.44 -13.94 11.87
C ARG B 372 -16.54 -14.49 10.77
N ILE B 373 -17.15 -14.90 9.66
CA ILE B 373 -16.43 -15.45 8.52
C ILE B 373 -16.01 -14.32 7.59
N PHE B 374 -14.76 -14.36 7.15
CA PHE B 374 -14.24 -13.40 6.18
C PHE B 374 -13.59 -14.17 5.05
N THR B 375 -13.92 -13.80 3.81
CA THR B 375 -13.26 -14.35 2.63
C THR B 375 -12.71 -13.16 1.84
N THR B 376 -11.39 -13.05 1.79
CA THR B 376 -10.73 -11.96 1.07
C THR B 376 -10.29 -12.48 -0.28
N LEU B 377 -10.75 -11.83 -1.35
CA LEU B 377 -10.33 -12.17 -2.70
C LEU B 377 -9.33 -11.18 -3.27
N CYS B 378 -8.82 -10.26 -2.45
CA CYS B 378 -7.88 -9.26 -2.96
C CYS B 378 -6.52 -9.92 -3.20
N ARG B 379 -5.73 -9.26 -4.05
CA ARG B 379 -4.48 -9.81 -4.59
C ARG B 379 -4.69 -11.13 -5.34
N MET B 380 -5.94 -11.46 -5.67
CA MET B 380 -6.26 -12.47 -6.67
C MET B 380 -6.62 -11.78 -7.98
N PRO B 381 -6.02 -12.16 -9.09
CA PRO B 381 -6.21 -11.40 -10.33
C PRO B 381 -7.59 -11.61 -10.96
N LEU B 382 -8.65 -11.28 -10.22
CA LEU B 382 -10.00 -11.45 -10.73
C LEU B 382 -10.27 -10.53 -11.92
N TYR B 383 -9.80 -9.28 -11.84
CA TYR B 383 -10.02 -8.31 -12.90
C TYR B 383 -9.03 -8.45 -14.05
N GLU B 384 -8.24 -9.52 -14.07
CA GLU B 384 -7.36 -9.83 -15.19
C GLU B 384 -7.86 -11.03 -15.97
N THR B 385 -9.04 -11.55 -15.64
CA THR B 385 -9.65 -12.64 -16.38
C THR B 385 -10.04 -12.14 -17.77
N GLU B 386 -9.37 -12.65 -18.80
CA GLU B 386 -9.55 -12.17 -20.16
C GLU B 386 -10.08 -13.31 -21.01
N PHE B 387 -11.26 -13.11 -21.60
CA PHE B 387 -11.88 -14.10 -22.47
C PHE B 387 -11.61 -13.85 -23.94
N GLY B 388 -10.98 -12.73 -24.28
CA GLY B 388 -10.62 -12.47 -25.66
C GLY B 388 -11.12 -11.15 -26.19
N TRP B 389 -11.73 -10.32 -25.34
CA TRP B 389 -12.24 -9.05 -25.83
C TRP B 389 -12.22 -7.92 -24.80
N GLY B 390 -11.62 -8.13 -23.63
CA GLY B 390 -11.57 -7.07 -22.63
C GLY B 390 -11.59 -7.64 -21.24
N LYS B 391 -11.12 -6.83 -20.30
CA LYS B 391 -11.10 -7.19 -18.89
C LYS B 391 -12.50 -7.05 -18.30
N PRO B 392 -12.76 -7.66 -17.14
CA PRO B 392 -14.07 -7.51 -16.51
C PRO B 392 -14.33 -6.06 -16.14
N GLU B 393 -15.58 -5.64 -16.37
CA GLU B 393 -16.03 -4.32 -15.92
C GLU B 393 -16.36 -4.30 -14.43
N TRP B 394 -16.75 -5.45 -13.88
CA TRP B 394 -17.14 -5.55 -12.48
C TRP B 394 -17.09 -7.02 -12.09
N VAL B 395 -16.70 -7.28 -10.84
CA VAL B 395 -16.66 -8.64 -10.31
C VAL B 395 -17.22 -8.59 -8.89
N THR B 396 -18.24 -9.41 -8.61
CA THR B 396 -18.77 -9.43 -7.25
C THR B 396 -19.29 -10.80 -6.87
N ILE B 397 -19.83 -10.87 -5.67
CA ILE B 397 -20.53 -12.00 -5.07
C ILE B 397 -21.99 -11.57 -4.89
N PRO B 398 -22.95 -12.32 -5.42
CA PRO B 398 -24.36 -11.93 -5.22
C PRO B 398 -24.82 -12.11 -3.78
N GLU B 399 -26.08 -11.76 -3.52
CA GLU B 399 -26.63 -11.83 -2.18
C GLU B 399 -26.45 -13.22 -1.59
N MET B 400 -25.91 -13.27 -0.36
CA MET B 400 -25.63 -14.51 0.33
C MET B 400 -26.78 -14.89 1.26
N HIS B 401 -26.84 -16.19 1.57
CA HIS B 401 -27.83 -16.70 2.51
C HIS B 401 -27.25 -16.96 3.89
N LEU B 402 -25.96 -16.71 4.10
CA LEU B 402 -25.33 -16.85 5.41
C LEU B 402 -24.58 -15.58 5.76
N GLU B 403 -24.32 -15.41 7.06
CA GLU B 403 -23.54 -14.28 7.54
C GLU B 403 -22.08 -14.43 7.12
N ILE B 404 -21.59 -13.49 6.33
CA ILE B 404 -20.24 -13.58 5.76
C ILE B 404 -19.81 -12.20 5.30
N VAL B 405 -18.51 -12.02 5.07
CA VAL B 405 -17.96 -10.78 4.55
C VAL B 405 -16.98 -11.13 3.43
N PHE B 406 -17.25 -10.65 2.22
CA PHE B 406 -16.35 -10.84 1.10
C PHE B 406 -15.59 -9.54 0.82
N LEU B 407 -14.28 -9.64 0.67
CA LEU B 407 -13.43 -8.50 0.31
C LEU B 407 -12.87 -8.72 -1.09
N LEU B 408 -13.16 -7.79 -1.99
CA LEU B 408 -12.69 -7.85 -3.36
C LEU B 408 -11.96 -6.56 -3.71
N ASP B 409 -11.07 -6.64 -4.70
CA ASP B 409 -10.47 -5.44 -5.25
C ASP B 409 -11.48 -4.71 -6.14
N THR B 410 -11.27 -3.40 -6.27
CA THR B 410 -11.95 -2.61 -7.27
C THR B 410 -11.29 -2.82 -8.63
N LYS B 411 -11.98 -2.36 -9.68
CA LYS B 411 -11.49 -2.53 -11.04
C LYS B 411 -10.07 -2.00 -11.20
N CYS B 412 -9.78 -0.83 -10.64
CA CYS B 412 -8.44 -0.28 -10.63
C CYS B 412 -8.26 0.54 -9.35
N GLY B 413 -7.01 0.86 -9.05
CA GLY B 413 -6.71 1.52 -7.81
C GLY B 413 -6.56 0.53 -6.67
N THR B 414 -6.53 1.08 -5.46
CA THR B 414 -6.29 0.29 -4.26
C THR B 414 -7.50 0.24 -3.34
N GLY B 415 -8.68 0.61 -3.85
CA GLY B 415 -9.88 0.51 -3.05
C GLY B 415 -10.34 -0.91 -2.89
N ILE B 416 -11.19 -1.13 -1.88
CA ILE B 416 -11.67 -2.47 -1.56
C ILE B 416 -13.19 -2.44 -1.46
N GLU B 417 -13.84 -3.37 -2.16
CA GLU B 417 -15.27 -3.58 -2.04
C GLU B 417 -15.53 -4.62 -0.95
N ALA B 418 -16.33 -4.25 0.04
CA ALA B 418 -16.73 -5.14 1.11
C ALA B 418 -18.20 -5.48 0.88
N LEU B 419 -18.47 -6.75 0.63
CA LEU B 419 -19.84 -7.24 0.53
C LEU B 419 -20.16 -7.92 1.85
N VAL B 420 -20.99 -7.28 2.66
CA VAL B 420 -21.27 -7.72 4.02
C VAL B 420 -22.68 -8.31 4.04
N SER B 421 -22.81 -9.54 4.50
CA SER B 421 -24.10 -10.18 4.67
C SER B 421 -24.29 -10.56 6.12
N MET B 422 -25.41 -10.15 6.69
CA MET B 422 -25.71 -10.38 8.10
C MET B 422 -27.22 -10.23 8.30
N ASP B 423 -27.67 -10.49 9.52
CA ASP B 423 -29.10 -10.43 9.81
C ASP B 423 -29.62 -9.01 9.62
N GLU B 424 -30.83 -8.91 9.06
CA GLU B 424 -31.36 -7.60 8.67
C GLU B 424 -31.52 -6.68 9.89
N ALA B 425 -31.99 -7.23 11.01
CA ALA B 425 -32.13 -6.43 12.22
C ALA B 425 -30.77 -5.86 12.64
N ASP B 426 -29.71 -6.66 12.50
CA ASP B 426 -28.37 -6.16 12.76
C ASP B 426 -27.91 -5.22 11.65
N MET B 427 -28.23 -5.55 10.40
CA MET B 427 -27.71 -4.79 9.26
C MET B 427 -28.21 -3.35 9.28
N LEU B 428 -29.45 -3.13 9.73
CA LEU B 428 -30.00 -1.78 9.67
C LEU B 428 -29.27 -0.83 10.60
N GLN B 429 -28.73 -1.32 11.71
CA GLN B 429 -27.89 -0.51 12.58
C GLN B 429 -26.43 -0.51 12.13
N PHE B 430 -25.95 -1.64 11.63
CA PHE B 430 -24.54 -1.76 11.23
C PHE B 430 -24.18 -0.75 10.13
N GLU B 431 -25.07 -0.57 9.15
CA GLU B 431 -24.75 0.35 8.06
C GLU B 431 -24.73 1.80 8.52
N LEU B 432 -25.36 2.11 9.65
CA LEU B 432 -25.30 3.46 10.20
C LEU B 432 -24.22 3.62 11.26
N ASP B 433 -23.32 2.65 11.37
CA ASP B 433 -22.11 2.86 12.17
C ASP B 433 -21.35 4.03 11.58
N PRO B 434 -21.01 5.05 12.37
CA PRO B 434 -20.42 6.26 11.80
C PRO B 434 -19.09 6.03 11.09
N THR B 435 -18.36 4.96 11.43
CA THR B 435 -17.06 4.73 10.82
C THR B 435 -17.15 4.10 9.44
N ILE B 436 -18.31 3.55 9.06
CA ILE B 436 -18.44 2.84 7.79
C ILE B 436 -19.64 3.35 6.99
N SER B 437 -20.49 4.16 7.63
CA SER B 437 -21.72 4.59 6.96
C SER B 437 -21.47 5.46 5.75
N ALA B 438 -20.32 6.13 5.67
CA ALA B 438 -20.01 6.92 4.48
C ALA B 438 -19.66 6.06 3.28
N PHE B 439 -19.33 4.79 3.48
CA PHE B 439 -18.90 3.91 2.41
C PHE B 439 -20.03 3.03 1.86
N ALA B 440 -21.21 3.07 2.49
CA ALA B 440 -22.31 2.25 2.01
C ALA B 440 -22.84 2.78 0.68
N SER B 441 -23.04 1.88 -0.28
CA SER B 441 -23.50 2.31 -1.59
C SER B 441 -24.98 2.67 -1.57
N LEU B 442 -25.78 1.92 -0.81
CA LEU B 442 -27.17 2.29 -0.50
C LEU B 442 -27.99 2.65 -1.73
#